data_3RGV
#
_entry.id   3RGV
#
_cell.length_a   118.872
_cell.length_b   146.409
_cell.length_c   168.565
_cell.angle_alpha   90.000
_cell.angle_beta   90.000
_cell.angle_gamma   90.000
#
_symmetry.space_group_name_H-M   'I 2 2 2'
#
loop_
_entity.id
_entity.type
_entity.pdbx_description
1 polymer 'Yae62 TCR a chain'
2 polymer 'Yae62 TCR b chain'
3 polymer 'H-2 class I histocompatibility antigen, K-B alpha chain'
4 polymer Beta-2-microglobulin
5 polymer peptide
#
loop_
_entity_poly.entity_id
_entity_poly.type
_entity_poly.pdbx_seq_one_letter_code
_entity_poly.pdbx_strand_id
1 'polypeptide(L)'
;DSVTQMQGQVTLSENDFLFINCTYSTTGYPTLFWYVQYSGEGPQLLLQVTTANNKGSSRGFEATYDKGTTSFHLQKTSVQ
EIDSAVYYCAANSGTYQRFGTGTKLQVVPNIQNPDPAVYQLRDSKSSDKSVCLFTDFDSQTNVSQSKDSDVYITDKCVLD
MRSMDFKSNSAVAWSNKSDFACANAFNNSIIPEDTFFPSP
;
A
2 'polypeptide(L)'
;AVTQSPRNKVAVTGGKVTLSCNQTNNHNNMYWYRQDTGHGLRLIHYSYGAGSTEKGDIPDGYKASRPSQENFSLILELAT
PSQTSVYFCASGDFWGDTLYFGAGTRLSVLEDLKNVFPPEVAVFEPSEAEISHTQKATLVCLATGFYPDHVELSWWVNGK
EVHSGVCTDPQPLKEQPALNDSRYALSSRLRVSATFWQNPRNHFRCQVQFYGLSENDEWTQDRAKPVTQIVSAEAW
;
B
3 'polypeptide(L)'
;GPHSLRYFVTAVSRPGLGEPRYMEVGYVDDTEFVRFDSDAENPRYEPRARWMEQEGPEYWERETQKAKGNEQSFRVDLRT
LLGCYNQSKGGSHTIQVISGCEVGSDGRLLRGYQQYAYDGSDYIALNEDLKTWTAADMAALITKHKWEQAGEAERLRAYL
EGTCVEWLRRYLKNGNATLLRTDSPKAHVTHHSRPEDKVTLRCWALGFYPADITLTWQLNGEELIQDMELVETRPAGDGT
FQKWASVVVPLGKEQYYTCHVYHQGLPEPLTLRWE
;
C
4 'polypeptide(L)'
;GIQKTPQIQVYSRHPPENGKPNILNCYVTQFHPPHIEIQMLKNGKKIPKVEMSDMSFSKDWSFYILAHTEFTPTETDTYA
CRVKHDSMAEPKTVYWDRDM
;
D
5 'polypeptide(L)' WIYVYRPMGCGGS E
#
# COMPACT_ATOMS: atom_id res chain seq x y z
N ASP A 1 -2.12 2.29 -13.29
CA ASP A 1 -1.46 1.05 -12.90
C ASP A 1 -2.35 -0.21 -13.00
N SER A 2 -2.11 -1.04 -14.03
CA SER A 2 -3.04 -2.12 -14.38
C SER A 2 -2.39 -3.44 -14.78
N VAL A 3 -3.15 -4.52 -14.72
CA VAL A 3 -2.68 -5.83 -15.18
C VAL A 3 -3.73 -6.59 -15.96
N THR A 4 -3.29 -7.29 -17.00
CA THR A 4 -4.21 -8.08 -17.80
C THR A 4 -3.66 -9.50 -17.97
N GLN A 5 -4.43 -10.51 -17.55
CA GLN A 5 -4.04 -11.91 -17.73
C GLN A 5 -5.17 -12.68 -18.44
N MET A 6 -4.91 -13.09 -19.68
CA MET A 6 -5.96 -13.38 -20.65
C MET A 6 -6.67 -14.74 -20.52
N GLN A 7 -6.42 -15.44 -19.43
CA GLN A 7 -7.00 -16.77 -19.26
C GLN A 7 -7.97 -16.78 -18.09
N GLY A 8 -9.19 -17.26 -18.33
CA GLY A 8 -10.16 -17.41 -17.26
C GLY A 8 -10.04 -18.74 -16.50
N GLN A 9 -10.30 -19.84 -17.21
CA GLN A 9 -9.98 -21.18 -16.72
C GLN A 9 -8.79 -21.67 -17.48
N VAL A 10 -8.06 -22.54 -16.84
CA VAL A 10 -7.07 -23.34 -17.52
C VAL A 10 -7.11 -24.66 -16.80
N THR A 11 -7.17 -25.76 -17.54
CA THR A 11 -7.02 -27.05 -16.88
C THR A 11 -5.98 -27.91 -17.58
N LEU A 12 -5.32 -28.77 -16.81
CA LEU A 12 -4.33 -29.70 -17.35
C LEU A 12 -4.17 -30.99 -16.55
N SER A 13 -3.28 -31.85 -17.04
CA SER A 13 -2.98 -33.11 -16.39
C SER A 13 -1.72 -32.96 -15.56
N GLU A 14 -1.59 -33.74 -14.51
CA GLU A 14 -0.40 -33.64 -13.70
C GLU A 14 0.85 -33.87 -14.53
N ASN A 15 1.93 -33.23 -14.13
CA ASN A 15 3.22 -33.31 -14.82
C ASN A 15 3.30 -32.47 -16.09
N ASP A 16 2.13 -32.04 -16.58
CA ASP A 16 2.09 -31.05 -17.67
C ASP A 16 2.87 -29.79 -17.28
N PHE A 17 3.45 -29.14 -18.26
CA PHE A 17 4.11 -27.87 -18.03
C PHE A 17 3.05 -26.75 -18.03
N LEU A 18 3.15 -25.87 -17.03
CA LEU A 18 2.19 -24.77 -16.79
C LEU A 18 2.73 -23.42 -17.24
N PHE A 19 1.90 -22.64 -17.90
CA PHE A 19 2.27 -21.30 -18.32
C PHE A 19 1.03 -20.42 -18.33
N ILE A 20 1.05 -19.37 -17.51
CA ILE A 20 -0.06 -18.42 -17.41
C ILE A 20 0.41 -17.02 -17.73
N ASN A 21 -0.42 -16.34 -18.50
CA ASN A 21 -0.01 -15.15 -19.19
C ASN A 21 -0.20 -13.90 -18.37
N CYS A 22 0.82 -13.07 -18.29
CA CYS A 22 0.68 -11.80 -17.59
C CYS A 22 1.43 -10.64 -18.24
N THR A 23 0.68 -9.59 -18.58
CA THR A 23 1.27 -8.32 -18.99
C THR A 23 0.65 -7.18 -18.18
N TYR A 24 1.43 -6.13 -17.94
CA TYR A 24 0.98 -5.04 -17.07
C TYR A 24 1.12 -3.68 -17.75
N SER A 25 0.26 -2.73 -17.38
CA SER A 25 0.45 -1.33 -17.79
C SER A 25 0.74 -0.56 -16.52
N THR A 26 1.82 0.20 -16.50
CA THR A 26 2.18 0.95 -15.31
C THR A 26 2.90 2.26 -15.67
N THR A 27 2.84 3.25 -14.77
CA THR A 27 3.47 4.54 -15.02
C THR A 27 4.80 4.72 -14.28
N GLY A 28 4.92 4.05 -13.15
CA GLY A 28 6.17 4.04 -12.42
C GLY A 28 6.88 2.72 -12.63
N TYR A 29 7.78 2.40 -11.70
CA TYR A 29 8.58 1.19 -11.77
C TYR A 29 8.05 0.23 -10.71
N PRO A 30 6.99 -0.50 -11.05
CA PRO A 30 6.19 -1.30 -10.12
C PRO A 30 6.96 -2.50 -9.70
N THR A 31 6.73 -2.98 -8.48
CA THR A 31 7.20 -4.30 -8.12
C THR A 31 6.04 -5.21 -8.51
N LEU A 32 6.32 -6.48 -8.83
CA LEU A 32 5.32 -7.42 -9.38
C LEU A 32 5.13 -8.68 -8.56
N PHE A 33 3.88 -9.17 -8.53
CA PHE A 33 3.53 -10.25 -7.63
C PHE A 33 2.71 -11.30 -8.32
N TRP A 34 2.82 -12.52 -7.83
CA TRP A 34 1.82 -13.54 -8.08
C TRP A 34 1.25 -13.97 -6.74
N TYR A 35 -0.08 -13.91 -6.63
CA TYR A 35 -0.76 -14.38 -5.42
C TYR A 35 -1.55 -15.61 -5.73
N VAL A 36 -1.53 -16.56 -4.81
CA VAL A 36 -2.26 -17.81 -5.00
C VAL A 36 -3.36 -17.95 -3.95
N GLN A 37 -4.51 -18.50 -4.34
CA GLN A 37 -5.63 -18.62 -3.42
C GLN A 37 -6.28 -19.99 -3.48
N TYR A 38 -5.80 -20.90 -2.63
CA TYR A 38 -6.32 -22.26 -2.57
C TYR A 38 -7.76 -22.25 -2.07
N SER A 39 -8.66 -22.95 -2.76
CA SER A 39 -10.08 -22.91 -2.42
C SER A 39 -10.30 -23.04 -0.92
N GLY A 40 -11.26 -22.27 -0.41
CA GLY A 40 -11.59 -22.26 1.00
C GLY A 40 -10.79 -21.25 1.82
N GLU A 41 -9.75 -20.72 1.20
CA GLU A 41 -8.73 -19.95 1.88
C GLU A 41 -8.71 -18.50 1.35
N GLY A 42 -7.90 -17.64 1.96
CA GLY A 42 -7.69 -16.31 1.40
C GLY A 42 -6.43 -16.30 0.57
N PRO A 43 -6.22 -15.26 -0.22
CA PRO A 43 -5.06 -15.24 -1.12
C PRO A 43 -3.72 -15.25 -0.39
N GLN A 44 -2.67 -15.73 -1.03
CA GLN A 44 -1.35 -15.59 -0.45
C GLN A 44 -0.22 -15.36 -1.44
N LEU A 45 0.68 -14.47 -1.07
CA LEU A 45 1.80 -14.16 -1.91
C LEU A 45 2.45 -15.48 -2.31
N LEU A 46 2.32 -15.83 -3.59
CA LEU A 46 3.14 -16.87 -4.21
C LEU A 46 4.56 -16.36 -4.39
N LEU A 47 4.74 -15.33 -5.23
CA LEU A 47 6.08 -14.72 -5.36
C LEU A 47 6.11 -13.29 -5.92
N GLN A 48 7.23 -12.60 -5.63
CA GLN A 48 7.45 -11.21 -6.06
C GLN A 48 8.82 -11.03 -6.63
N VAL A 49 8.95 -10.08 -7.55
CA VAL A 49 10.28 -9.57 -7.87
C VAL A 49 10.18 -8.06 -7.97
N THR A 50 11.25 -7.36 -7.60
CA THR A 50 11.23 -5.89 -7.51
C THR A 50 11.94 -5.19 -8.65
N THR A 51 12.97 -5.85 -9.18
CA THR A 51 13.73 -5.30 -10.30
C THR A 51 13.60 -6.14 -11.56
N ALA A 52 13.44 -5.45 -12.69
CA ALA A 52 13.72 -6.08 -13.97
C ALA A 52 15.23 -6.28 -14.05
N ASN A 53 15.66 -7.39 -14.62
CA ASN A 53 14.79 -8.47 -14.97
C ASN A 53 15.35 -9.67 -14.22
N ASN A 54 14.73 -9.97 -13.09
CA ASN A 54 15.13 -11.11 -12.28
C ASN A 54 13.92 -12.01 -12.15
N LYS A 55 14.10 -13.14 -11.50
CA LYS A 55 12.98 -14.05 -11.42
C LYS A 55 12.83 -14.56 -10.02
N GLY A 56 11.58 -14.70 -9.61
CA GLY A 56 11.29 -15.18 -8.29
C GLY A 56 10.88 -16.60 -8.45
N SER A 57 11.07 -17.39 -7.40
CA SER A 57 10.65 -18.77 -7.43
C SER A 57 10.09 -19.13 -6.08
N SER A 58 8.95 -19.80 -6.08
CA SER A 58 8.42 -20.37 -4.85
C SER A 58 7.63 -21.61 -5.22
N ARG A 59 7.67 -22.61 -4.34
CA ARG A 59 6.83 -23.77 -4.52
C ARG A 59 6.96 -24.24 -5.98
N GLY A 60 8.15 -24.09 -6.52
CA GLY A 60 8.44 -24.59 -7.85
C GLY A 60 7.81 -23.86 -9.01
N PHE A 61 7.19 -22.70 -8.76
CA PHE A 61 6.80 -21.79 -9.83
C PHE A 61 7.91 -20.78 -10.04
N GLU A 62 7.96 -20.19 -11.23
CA GLU A 62 8.82 -19.03 -11.39
C GLU A 62 8.27 -18.01 -12.39
N ALA A 63 8.76 -16.79 -12.29
CA ALA A 63 8.35 -15.72 -13.19
C ALA A 63 9.41 -14.64 -13.29
N THR A 64 9.66 -14.17 -14.50
CA THR A 64 10.70 -13.18 -14.72
C THR A 64 10.08 -11.80 -15.02
N TYR A 65 10.72 -10.76 -14.47
CA TYR A 65 10.29 -9.38 -14.63
C TYR A 65 10.68 -8.93 -16.02
N ASP A 66 9.74 -8.98 -16.95
CA ASP A 66 10.05 -8.80 -18.35
C ASP A 66 9.70 -7.41 -18.80
N LYS A 67 10.66 -6.48 -18.67
CA LYS A 67 10.34 -5.08 -18.90
C LYS A 67 10.08 -4.88 -20.38
N GLY A 68 10.88 -5.54 -21.22
CA GLY A 68 10.78 -5.36 -22.67
C GLY A 68 9.42 -5.73 -23.21
N THR A 69 8.75 -6.67 -22.54
CA THR A 69 7.40 -7.08 -22.90
C THR A 69 6.38 -6.49 -21.95
N THR A 70 6.86 -5.97 -20.82
CA THR A 70 5.99 -5.67 -19.68
C THR A 70 5.26 -6.97 -19.33
N SER A 71 6.04 -7.97 -18.95
CA SER A 71 5.47 -9.28 -18.69
C SER A 71 5.98 -9.94 -17.41
N PHE A 72 5.06 -10.70 -16.81
CA PHE A 72 5.39 -11.44 -15.62
C PHE A 72 4.73 -12.80 -15.69
N HIS A 73 5.15 -13.61 -16.67
CA HIS A 73 4.51 -14.88 -16.98
C HIS A 73 4.85 -15.93 -15.95
N LEU A 74 3.81 -16.59 -15.43
CA LEU A 74 4.00 -17.59 -14.39
C LEU A 74 4.13 -18.95 -15.04
N GLN A 75 5.22 -19.64 -14.73
CA GLN A 75 5.60 -20.88 -15.40
C GLN A 75 5.94 -21.97 -14.40
N LYS A 76 5.42 -23.17 -14.59
CA LYS A 76 5.87 -24.27 -13.73
C LYS A 76 6.20 -25.47 -14.57
N THR A 77 7.38 -26.04 -14.32
CA THR A 77 7.90 -27.12 -15.12
C THR A 77 7.05 -28.40 -15.09
N SER A 78 6.45 -28.70 -13.95
CA SER A 78 5.64 -29.91 -13.83
C SER A 78 4.51 -29.74 -12.85
N VAL A 79 3.38 -29.24 -13.35
CA VAL A 79 2.26 -28.91 -12.49
C VAL A 79 1.79 -30.15 -11.73
N GLN A 80 1.78 -30.05 -10.40
CA GLN A 80 1.17 -31.09 -9.58
C GLN A 80 -0.30 -30.76 -9.39
N GLU A 81 -1.01 -31.52 -8.59
CA GLU A 81 -2.41 -31.18 -8.45
C GLU A 81 -2.73 -30.51 -7.11
N ILE A 82 -1.79 -30.50 -6.18
CA ILE A 82 -1.96 -29.60 -5.05
C ILE A 82 -2.18 -28.20 -5.60
N ASP A 83 -1.54 -27.92 -6.73
CA ASP A 83 -1.54 -26.59 -7.33
C ASP A 83 -2.88 -26.09 -7.88
N SER A 84 -3.92 -26.90 -7.80
CA SER A 84 -5.24 -26.44 -8.26
C SER A 84 -5.70 -25.27 -7.37
N ALA A 85 -5.85 -24.10 -7.97
CA ALA A 85 -6.10 -22.89 -7.18
C ALA A 85 -6.35 -21.71 -8.10
N VAL A 86 -6.67 -20.55 -7.53
CA VAL A 86 -6.77 -19.35 -8.35
C VAL A 86 -5.51 -18.49 -8.27
N TYR A 87 -4.96 -18.15 -9.44
CA TYR A 87 -3.69 -17.44 -9.49
C TYR A 87 -3.91 -15.99 -9.92
N TYR A 88 -3.48 -15.06 -9.07
CA TYR A 88 -3.64 -13.64 -9.36
C TYR A 88 -2.31 -12.95 -9.63
N CYS A 89 -2.30 -12.19 -10.70
CA CYS A 89 -1.14 -11.41 -11.05
C CYS A 89 -1.42 -10.01 -10.59
N ALA A 90 -0.35 -9.24 -10.34
CA ALA A 90 -0.54 -7.89 -9.85
C ALA A 90 0.75 -7.08 -9.90
N ALA A 91 0.64 -5.86 -10.41
CA ALA A 91 1.70 -4.87 -10.28
C ALA A 91 1.35 -3.89 -9.17
N ASN A 92 2.33 -3.04 -8.83
CA ASN A 92 2.15 -1.99 -7.81
C ASN A 92 3.35 -1.07 -7.78
N SER A 93 3.13 0.20 -8.13
CA SER A 93 4.16 1.23 -8.08
C SER A 93 3.88 2.27 -6.95
N GLY A 94 2.99 1.90 -6.03
CA GLY A 94 2.54 2.82 -5.00
C GLY A 94 1.10 3.25 -5.18
N THR A 95 0.35 2.45 -5.91
CA THR A 95 -1.07 2.65 -6.07
C THR A 95 -1.64 1.88 -4.89
N TYR A 96 -2.95 1.72 -4.81
CA TYR A 96 -3.44 0.68 -3.91
C TYR A 96 -3.70 -0.62 -4.70
N GLN A 97 -3.62 -1.75 -4.02
CA GLN A 97 -3.63 -3.02 -4.73
C GLN A 97 -5.02 -3.46 -5.14
N ARG A 98 -5.25 -3.63 -6.44
CA ARG A 98 -6.51 -4.21 -6.91
C ARG A 98 -6.27 -5.57 -7.54
N PHE A 99 -7.34 -6.36 -7.65
CA PHE A 99 -7.21 -7.72 -8.18
C PHE A 99 -8.25 -7.98 -9.27
N GLY A 100 -7.79 -8.60 -10.36
CA GLY A 100 -8.67 -8.99 -11.42
C GLY A 100 -9.48 -10.22 -11.02
N THR A 101 -9.70 -11.11 -11.97
CA THR A 101 -10.41 -12.34 -11.70
C THR A 101 -9.40 -13.44 -11.58
N GLY A 102 -8.20 -13.14 -12.05
CA GLY A 102 -7.13 -14.12 -12.09
C GLY A 102 -7.54 -15.34 -12.90
N THR A 103 -6.74 -16.39 -12.76
CA THR A 103 -6.91 -17.59 -13.57
C THR A 103 -7.19 -18.81 -12.71
N LYS A 104 -8.30 -19.51 -13.01
CA LYS A 104 -8.64 -20.70 -12.24
C LYS A 104 -7.99 -21.94 -12.81
N LEU A 105 -7.03 -22.48 -12.06
CA LEU A 105 -6.28 -23.65 -12.48
C LEU A 105 -6.85 -24.92 -11.88
N GLN A 106 -7.29 -25.83 -12.76
CA GLN A 106 -7.74 -27.17 -12.38
C GLN A 106 -6.71 -28.18 -12.83
N VAL A 107 -6.02 -28.82 -11.90
CA VAL A 107 -5.13 -29.89 -12.28
C VAL A 107 -5.72 -31.27 -12.03
N VAL A 108 -5.76 -32.04 -13.09
CA VAL A 108 -6.45 -33.31 -13.13
C VAL A 108 -5.46 -34.50 -13.23
N PRO A 109 -5.79 -35.64 -12.61
CA PRO A 109 -4.78 -36.67 -12.44
C PRO A 109 -4.78 -37.63 -13.60
N ASN A 110 -3.63 -38.21 -13.90
CA ASN A 110 -3.58 -39.24 -14.93
C ASN A 110 -4.13 -40.50 -14.31
N ILE A 111 -5.37 -40.84 -14.64
CA ILE A 111 -5.99 -42.01 -14.06
C ILE A 111 -5.39 -43.27 -14.67
N GLN A 112 -4.73 -44.06 -13.81
CA GLN A 112 -3.90 -45.18 -14.27
C GLN A 112 -4.64 -46.30 -15.03
N ASN A 113 -5.61 -46.93 -14.37
CA ASN A 113 -6.34 -48.06 -14.91
C ASN A 113 -7.83 -47.84 -14.78
N PRO A 114 -8.42 -47.13 -15.75
CA PRO A 114 -9.83 -46.73 -15.69
C PRO A 114 -10.73 -47.94 -15.64
N ASP A 115 -11.75 -47.89 -14.79
CA ASP A 115 -12.67 -49.00 -14.59
C ASP A 115 -14.08 -48.47 -14.36
N PRO A 116 -14.59 -47.72 -15.35
CA PRO A 116 -15.88 -47.03 -15.23
C PRO A 116 -16.97 -47.99 -14.79
N ALA A 117 -17.90 -47.45 -14.01
CA ALA A 117 -18.97 -48.25 -13.42
C ALA A 117 -19.96 -47.34 -12.71
N VAL A 118 -21.20 -47.78 -12.61
CA VAL A 118 -22.18 -47.07 -11.80
C VAL A 118 -22.75 -47.99 -10.74
N TYR A 119 -22.44 -47.68 -9.48
CA TYR A 119 -22.96 -48.49 -8.38
C TYR A 119 -24.13 -47.77 -7.71
N GLN A 120 -25.04 -48.55 -7.13
CA GLN A 120 -26.18 -47.99 -6.41
C GLN A 120 -26.06 -48.33 -4.93
N LEU A 121 -26.16 -47.31 -4.07
CA LEU A 121 -25.93 -47.49 -2.64
C LEU A 121 -27.21 -47.39 -1.80
N ARG A 122 -27.19 -48.07 -0.66
CA ARG A 122 -28.33 -48.09 0.23
C ARG A 122 -28.08 -47.16 1.41
N ASP A 123 -29.14 -46.57 1.96
CA ASP A 123 -28.98 -45.82 3.20
C ASP A 123 -28.65 -46.80 4.31
N SER A 124 -27.85 -46.34 5.28
CA SER A 124 -27.43 -47.14 6.42
C SER A 124 -28.49 -47.19 7.52
N LYS A 125 -29.43 -46.26 7.49
CA LYS A 125 -30.50 -46.23 8.48
C LYS A 125 -31.85 -46.49 7.80
N SER A 126 -32.18 -45.65 6.83
CA SER A 126 -33.45 -45.73 6.14
C SER A 126 -33.65 -47.10 5.49
N SER A 127 -32.59 -47.55 4.82
CA SER A 127 -32.57 -48.80 4.04
C SER A 127 -33.29 -48.68 2.69
N ASP A 128 -34.12 -47.65 2.55
CA ASP A 128 -34.97 -47.49 1.36
C ASP A 128 -34.55 -46.39 0.38
N LYS A 129 -33.75 -45.42 0.83
CA LYS A 129 -33.34 -44.34 -0.06
C LYS A 129 -32.06 -44.73 -0.80
N SER A 130 -31.95 -44.27 -2.04
CA SER A 130 -30.87 -44.68 -2.93
C SER A 130 -30.02 -43.50 -3.38
N VAL A 131 -28.87 -43.83 -3.93
CA VAL A 131 -27.99 -42.83 -4.49
C VAL A 131 -27.22 -43.51 -5.61
N CYS A 132 -26.84 -42.78 -6.65
CA CYS A 132 -26.07 -43.35 -7.76
C CYS A 132 -24.66 -42.79 -7.84
N LEU A 133 -23.71 -43.67 -8.09
CA LEU A 133 -22.31 -43.29 -7.97
C LEU A 133 -21.52 -43.66 -9.20
N PHE A 134 -21.34 -42.70 -10.10
CA PHE A 134 -20.41 -42.85 -11.21
C PHE A 134 -18.97 -42.74 -10.72
N THR A 135 -18.14 -43.73 -11.01
CA THR A 135 -16.83 -43.73 -10.42
C THR A 135 -15.79 -44.42 -11.28
N ASP A 136 -14.53 -44.18 -10.95
CA ASP A 136 -13.39 -44.81 -11.62
C ASP A 136 -13.25 -44.44 -13.09
N PHE A 137 -14.11 -43.54 -13.58
CA PHE A 137 -13.98 -43.09 -14.94
C PHE A 137 -12.66 -42.34 -15.13
N ASP A 138 -12.39 -41.95 -16.38
CA ASP A 138 -11.13 -41.33 -16.77
C ASP A 138 -11.18 -39.81 -16.80
N SER A 139 -10.02 -39.20 -16.64
CA SER A 139 -9.93 -37.76 -16.38
C SER A 139 -10.48 -36.85 -17.47
N GLN A 140 -10.68 -37.38 -18.68
CA GLN A 140 -11.07 -36.54 -19.79
C GLN A 140 -12.58 -36.53 -20.00
N THR A 141 -13.26 -37.59 -19.55
CA THR A 141 -14.70 -37.63 -19.70
C THR A 141 -15.30 -36.54 -18.84
N ASN A 142 -16.37 -35.92 -19.34
CA ASN A 142 -17.02 -34.82 -18.62
C ASN A 142 -18.44 -35.17 -18.19
N VAL A 143 -18.72 -34.92 -16.91
CA VAL A 143 -20.01 -35.20 -16.32
C VAL A 143 -20.92 -33.97 -16.44
N SER A 144 -21.94 -34.13 -17.27
CA SER A 144 -22.82 -33.02 -17.64
C SER A 144 -23.96 -32.91 -16.63
N GLN A 145 -24.53 -31.72 -16.54
CA GLN A 145 -25.57 -31.47 -15.56
C GLN A 145 -26.85 -32.20 -15.93
N SER A 146 -27.69 -32.43 -14.94
CA SER A 146 -28.96 -33.12 -15.12
C SER A 146 -29.91 -32.31 -16.00
N LYS A 147 -30.33 -32.91 -17.10
CA LYS A 147 -31.27 -32.27 -18.02
C LYS A 147 -32.70 -32.32 -17.46
N ASP A 148 -32.92 -33.25 -16.53
CA ASP A 148 -34.17 -33.34 -15.80
C ASP A 148 -34.08 -32.44 -14.56
N SER A 149 -35.16 -31.73 -14.27
CA SER A 149 -35.14 -30.74 -13.22
C SER A 149 -35.11 -31.35 -11.81
N ASP A 150 -35.51 -32.63 -11.72
CA ASP A 150 -35.76 -33.27 -10.41
C ASP A 150 -34.78 -34.35 -10.07
N VAL A 151 -33.70 -34.40 -10.84
CA VAL A 151 -32.60 -35.27 -10.52
C VAL A 151 -31.40 -34.39 -10.33
N TYR A 152 -30.67 -34.63 -9.25
CA TYR A 152 -29.52 -33.81 -8.93
C TYR A 152 -28.26 -34.61 -9.18
N ILE A 153 -27.29 -33.96 -9.80
CA ILE A 153 -26.05 -34.60 -10.19
C ILE A 153 -24.86 -33.73 -9.81
N THR A 154 -24.02 -34.23 -8.93
CA THR A 154 -22.83 -33.52 -8.53
C THR A 154 -21.81 -33.41 -9.67
N ASP A 155 -21.04 -32.34 -9.67
CA ASP A 155 -19.88 -32.23 -10.53
C ASP A 155 -18.78 -33.26 -10.12
N LYS A 156 -17.92 -33.61 -11.07
CA LYS A 156 -16.78 -34.51 -10.85
C LYS A 156 -15.89 -34.07 -9.69
N CYS A 157 -15.39 -35.02 -8.91
CA CYS A 157 -14.35 -34.67 -7.95
C CYS A 157 -13.42 -35.86 -7.68
N VAL A 158 -12.16 -35.57 -7.45
CA VAL A 158 -11.20 -36.65 -7.36
C VAL A 158 -10.76 -36.86 -5.93
N LEU A 159 -10.52 -38.11 -5.55
CA LEU A 159 -10.02 -38.41 -4.22
C LEU A 159 -8.71 -39.17 -4.31
N ASP A 160 -7.98 -39.28 -3.20
CA ASP A 160 -6.68 -39.96 -3.22
C ASP A 160 -6.47 -40.88 -2.05
N MET A 161 -6.30 -42.17 -2.33
CA MET A 161 -5.96 -43.11 -1.28
C MET A 161 -4.44 -43.15 -1.16
N ARG A 162 -3.90 -42.23 -0.36
CA ARG A 162 -2.46 -41.94 -0.32
C ARG A 162 -1.59 -43.16 -0.10
N SER A 163 -1.93 -43.94 0.91
CA SER A 163 -1.13 -45.09 1.26
C SER A 163 -1.23 -46.19 0.24
N MET A 164 -1.85 -45.90 -0.90
CA MET A 164 -2.24 -46.98 -1.81
C MET A 164 -1.55 -47.15 -3.19
N ASP A 165 -0.95 -46.13 -3.80
CA ASP A 165 -1.39 -44.74 -3.76
C ASP A 165 -2.23 -44.69 -5.03
N PHE A 166 -3.34 -43.97 -5.01
CA PHE A 166 -4.40 -44.25 -5.95
C PHE A 166 -5.33 -43.04 -6.02
N LYS A 167 -5.62 -42.58 -7.22
CA LYS A 167 -6.54 -41.48 -7.36
C LYS A 167 -7.74 -41.99 -8.14
N SER A 168 -8.93 -41.55 -7.80
CA SER A 168 -10.07 -41.95 -8.57
C SER A 168 -10.96 -40.75 -8.76
N ASN A 169 -11.67 -40.67 -9.87
CA ASN A 169 -12.69 -39.64 -10.03
C ASN A 169 -14.04 -40.17 -9.58
N SER A 170 -15.03 -39.30 -9.43
CA SER A 170 -16.37 -39.73 -9.06
C SER A 170 -17.40 -38.61 -9.13
N ALA A 171 -18.66 -39.01 -9.29
CA ALA A 171 -19.79 -38.12 -9.13
C ALA A 171 -21.00 -38.91 -8.60
N VAL A 172 -21.94 -38.25 -7.94
CA VAL A 172 -23.11 -38.99 -7.49
C VAL A 172 -24.34 -38.33 -8.03
N ALA A 173 -25.45 -39.03 -7.92
CA ALA A 173 -26.70 -38.52 -8.43
C ALA A 173 -27.76 -39.04 -7.52
N TRP A 174 -28.87 -38.32 -7.43
CA TRP A 174 -30.00 -38.88 -6.70
C TRP A 174 -31.27 -38.18 -7.11
N SER A 175 -32.39 -38.74 -6.67
CA SER A 175 -33.66 -38.02 -6.69
C SER A 175 -34.73 -38.77 -5.92
N ASN A 176 -35.62 -38.01 -5.31
CA ASN A 176 -36.85 -38.55 -4.75
C ASN A 176 -37.75 -38.72 -5.97
N LYS A 177 -37.80 -39.91 -6.54
CA LYS A 177 -38.61 -40.13 -7.72
C LYS A 177 -39.10 -41.57 -7.78
N SER A 178 -40.08 -41.79 -8.65
CA SER A 178 -40.73 -43.08 -8.76
C SER A 178 -40.00 -44.03 -9.71
N ASP A 179 -39.48 -43.47 -10.81
CA ASP A 179 -38.85 -44.29 -11.83
C ASP A 179 -37.33 -44.13 -11.89
N PHE A 180 -36.75 -43.52 -10.87
CA PHE A 180 -35.32 -43.27 -10.91
C PHE A 180 -34.50 -44.55 -10.85
N ALA A 181 -33.66 -44.73 -11.85
CA ALA A 181 -32.77 -45.89 -11.89
C ALA A 181 -31.41 -45.41 -12.37
N CYS A 182 -30.38 -46.18 -12.07
CA CYS A 182 -29.02 -45.75 -12.35
C CYS A 182 -28.70 -45.68 -13.84
N ALA A 183 -29.07 -46.73 -14.57
CA ALA A 183 -28.96 -46.69 -16.02
C ALA A 183 -29.35 -45.29 -16.51
N ASN A 184 -30.40 -44.73 -15.91
CA ASN A 184 -30.96 -43.46 -16.34
C ASN A 184 -30.07 -42.24 -16.07
N ALA A 185 -29.77 -41.98 -14.80
CA ALA A 185 -28.93 -40.84 -14.46
C ALA A 185 -27.60 -41.00 -15.16
N PHE A 186 -27.02 -39.88 -15.57
CA PHE A 186 -25.76 -39.90 -16.30
C PHE A 186 -25.95 -40.19 -17.79
N ASN A 187 -27.20 -40.31 -18.23
CA ASN A 187 -27.48 -40.54 -19.65
C ASN A 187 -27.18 -39.30 -20.45
N ASN A 188 -27.37 -38.15 -19.80
CA ASN A 188 -27.18 -36.84 -20.40
C ASN A 188 -25.73 -36.42 -20.35
N SER A 189 -24.89 -37.36 -19.91
CA SER A 189 -23.45 -37.21 -19.95
C SER A 189 -22.93 -38.25 -20.94
N ILE A 190 -21.83 -37.96 -21.61
CA ILE A 190 -21.28 -38.96 -22.50
C ILE A 190 -20.36 -39.89 -21.72
N ILE A 191 -20.94 -40.99 -21.26
CA ILE A 191 -20.20 -41.98 -20.53
C ILE A 191 -19.45 -42.91 -21.48
N PRO A 192 -18.24 -43.36 -21.06
CA PRO A 192 -17.46 -44.40 -21.75
C PRO A 192 -18.28 -45.64 -22.09
N GLU A 193 -18.01 -46.21 -23.27
CA GLU A 193 -18.87 -47.24 -23.87
C GLU A 193 -18.80 -48.56 -23.12
N ASP A 194 -17.91 -48.63 -22.15
CA ASP A 194 -17.65 -49.87 -21.44
C ASP A 194 -18.12 -49.80 -19.99
N THR A 195 -18.73 -48.69 -19.60
CA THR A 195 -19.01 -48.46 -18.18
C THR A 195 -19.90 -49.58 -17.63
N PHE A 196 -19.43 -50.16 -16.51
CA PHE A 196 -20.02 -51.37 -15.95
C PHE A 196 -21.26 -51.09 -15.10
N PHE A 197 -22.44 -51.49 -15.61
CA PHE A 197 -23.68 -51.45 -14.83
C PHE A 197 -24.02 -52.84 -14.32
N PRO A 198 -23.86 -53.07 -13.02
CA PRO A 198 -24.29 -54.35 -12.44
C PRO A 198 -25.80 -54.51 -12.43
N SER A 199 -26.27 -55.72 -12.14
CA SER A 199 -27.68 -55.99 -11.97
C SER A 199 -28.00 -56.20 -10.49
N PRO A 200 -28.91 -55.38 -9.94
CA PRO A 200 -29.29 -55.41 -8.52
C PRO A 200 -30.05 -56.67 -8.11
N ALA B 1 -0.35 -12.29 12.35
CA ALA B 1 -1.41 -12.90 11.56
C ALA B 1 -2.60 -11.96 11.54
N VAL B 2 -3.44 -12.08 10.53
CA VAL B 2 -4.68 -11.30 10.54
C VAL B 2 -5.87 -12.25 10.68
N THR B 3 -6.77 -11.94 11.61
CA THR B 3 -7.91 -12.81 11.89
C THR B 3 -9.24 -12.04 11.72
N GLN B 4 -10.32 -12.75 11.43
CA GLN B 4 -11.57 -12.07 11.13
C GLN B 4 -12.70 -12.56 12.02
N SER B 5 -13.52 -11.63 12.46
CA SER B 5 -14.61 -11.97 13.36
C SER B 5 -15.82 -11.27 12.82
N PRO B 6 -16.94 -12.00 12.66
CA PRO B 6 -16.98 -13.45 12.89
C PRO B 6 -16.57 -14.11 11.59
N ARG B 7 -16.50 -15.44 11.57
CA ARG B 7 -16.14 -16.12 10.34
C ARG B 7 -17.36 -16.41 9.51
N ASN B 8 -18.49 -16.63 10.17
CA ASN B 8 -19.76 -16.84 9.47
C ASN B 8 -20.86 -15.92 10.00
N LYS B 9 -21.84 -15.58 9.16
CA LYS B 9 -22.86 -14.63 9.62
C LYS B 9 -24.13 -14.56 8.78
N VAL B 10 -25.26 -14.62 9.48
CA VAL B 10 -26.57 -14.48 8.84
C VAL B 10 -27.29 -13.24 9.40
N ALA B 11 -27.91 -12.47 8.51
CA ALA B 11 -28.48 -11.18 8.88
C ALA B 11 -29.66 -10.86 8.00
N VAL B 12 -30.68 -10.23 8.57
CA VAL B 12 -31.86 -9.85 7.81
C VAL B 12 -31.71 -8.46 7.20
N THR B 13 -32.16 -8.33 5.96
CA THR B 13 -32.19 -7.05 5.27
C THR B 13 -32.63 -5.90 6.18
N GLY B 14 -31.85 -4.82 6.18
CA GLY B 14 -32.14 -3.65 6.98
C GLY B 14 -31.40 -3.55 8.31
N GLY B 15 -30.87 -4.69 8.76
CA GLY B 15 -30.10 -4.74 9.99
C GLY B 15 -28.68 -4.20 9.87
N LYS B 16 -28.02 -4.07 11.01
CA LYS B 16 -26.65 -3.55 11.07
C LYS B 16 -25.67 -4.71 11.21
N VAL B 17 -24.57 -4.66 10.47
CA VAL B 17 -23.52 -5.66 10.59
C VAL B 17 -22.11 -5.08 10.69
N THR B 18 -21.32 -5.63 11.60
CA THR B 18 -19.95 -5.18 11.77
C THR B 18 -19.10 -6.41 11.60
N LEU B 19 -18.11 -6.32 10.72
CA LEU B 19 -17.08 -7.34 10.62
C LEU B 19 -15.86 -6.65 11.12
N SER B 20 -15.20 -7.29 12.07
CA SER B 20 -13.99 -6.72 12.60
C SER B 20 -12.80 -7.57 12.16
N CYS B 21 -11.68 -6.90 11.92
CA CYS B 21 -10.44 -7.57 11.61
C CYS B 21 -9.35 -7.10 12.56
N ASN B 22 -8.71 -8.06 13.21
CA ASN B 22 -7.64 -7.77 14.12
C ASN B 22 -6.28 -8.35 13.67
N GLN B 23 -5.26 -7.49 13.61
CA GLN B 23 -3.99 -7.88 12.99
C GLN B 23 -2.74 -7.86 13.87
N THR B 24 -2.11 -9.02 14.00
CA THR B 24 -0.89 -9.18 14.79
C THR B 24 0.38 -8.68 14.10
N ASN B 25 0.36 -8.51 12.78
CA ASN B 25 1.49 -7.88 12.08
C ASN B 25 1.53 -6.44 12.50
N ASN B 26 2.71 -5.84 12.51
CA ASN B 26 2.73 -4.47 12.99
C ASN B 26 2.64 -3.51 11.84
N HIS B 27 1.50 -3.52 11.17
CA HIS B 27 1.38 -2.91 9.87
C HIS B 27 0.51 -1.68 9.94
N ASN B 28 0.92 -0.63 9.22
CA ASN B 28 0.02 0.51 9.08
C ASN B 28 -1.22 0.26 8.20
N ASN B 29 -1.02 -0.28 7.00
CA ASN B 29 -2.09 -0.32 6.02
C ASN B 29 -2.97 -1.51 6.19
N MET B 30 -4.27 -1.32 5.97
CA MET B 30 -5.23 -2.41 6.01
C MET B 30 -6.32 -2.14 5.00
N TYR B 31 -6.89 -3.22 4.46
CA TYR B 31 -7.85 -3.12 3.36
C TYR B 31 -8.99 -4.11 3.64
N TRP B 32 -10.21 -3.73 3.25
CA TRP B 32 -11.33 -4.68 3.23
C TRP B 32 -11.74 -4.94 1.79
N TYR B 33 -11.68 -6.20 1.38
CA TYR B 33 -12.09 -6.58 0.04
C TYR B 33 -13.30 -7.48 0.12
N ARG B 34 -14.07 -7.46 -0.95
CA ARG B 34 -15.19 -8.36 -1.09
C ARG B 34 -14.94 -9.26 -2.31
N GLN B 35 -15.43 -10.48 -2.28
CA GLN B 35 -15.15 -11.40 -3.37
C GLN B 35 -16.37 -12.17 -3.86
N ASP B 36 -16.61 -12.15 -5.17
CA ASP B 36 -17.75 -12.88 -5.74
C ASP B 36 -17.54 -13.16 -7.21
N THR B 37 -18.21 -14.22 -7.67
CA THR B 37 -18.12 -14.72 -9.04
C THR B 37 -18.05 -13.64 -10.12
N GLY B 38 -17.06 -13.76 -11.00
CA GLY B 38 -16.90 -12.83 -12.11
C GLY B 38 -16.24 -11.48 -11.82
N HIS B 39 -16.20 -11.09 -10.55
CA HIS B 39 -15.59 -9.81 -10.18
C HIS B 39 -14.30 -9.97 -9.38
N GLY B 40 -14.12 -11.12 -8.74
CA GLY B 40 -12.97 -11.34 -7.89
C GLY B 40 -12.81 -10.39 -6.71
N LEU B 41 -11.55 -10.08 -6.38
CA LEU B 41 -11.26 -9.21 -5.25
C LEU B 41 -11.49 -7.72 -5.52
N ARG B 42 -12.50 -7.15 -4.86
CA ARG B 42 -12.78 -5.73 -5.03
C ARG B 42 -12.64 -4.94 -3.73
N LEU B 43 -11.82 -3.90 -3.78
CA LEU B 43 -11.50 -3.11 -2.59
C LEU B 43 -12.67 -2.21 -2.21
N ILE B 44 -12.96 -2.14 -0.92
CA ILE B 44 -14.09 -1.36 -0.42
C ILE B 44 -13.59 -0.13 0.32
N HIS B 45 -12.77 -0.38 1.33
CA HIS B 45 -12.16 0.66 2.14
C HIS B 45 -10.74 0.25 2.52
N TYR B 46 -9.91 1.23 2.82
CA TYR B 46 -8.61 0.95 3.33
C TYR B 46 -8.16 2.02 4.27
N SER B 47 -7.01 1.80 4.90
CA SER B 47 -6.57 2.70 5.94
C SER B 47 -5.03 2.77 5.91
N TYR B 48 -4.49 3.97 5.69
CA TYR B 48 -3.06 4.19 5.75
C TYR B 48 -2.50 3.88 7.13
N GLY B 49 -3.33 4.06 8.15
CA GLY B 49 -2.92 3.72 9.50
C GLY B 49 -4.00 4.08 10.49
N ALA B 50 -3.70 3.92 11.78
CA ALA B 50 -4.65 4.27 12.84
C ALA B 50 -5.21 5.69 12.67
N GLY B 51 -6.54 5.79 12.61
CA GLY B 51 -7.19 7.08 12.43
C GLY B 51 -7.97 7.29 11.14
N SER B 52 -7.28 7.24 10.00
CA SER B 52 -7.91 7.46 8.70
C SER B 52 -8.82 6.32 8.26
N THR B 53 -9.72 6.63 7.33
CA THR B 53 -10.39 5.62 6.51
C THR B 53 -10.65 6.21 5.13
N GLU B 54 -10.00 5.66 4.12
CA GLU B 54 -10.28 6.12 2.77
C GLU B 54 -11.18 5.15 2.02
N LYS B 55 -12.01 5.69 1.15
CA LYS B 55 -12.88 4.89 0.29
C LYS B 55 -12.04 4.14 -0.72
N GLY B 56 -12.50 2.96 -1.10
CA GLY B 56 -11.84 2.15 -2.11
C GLY B 56 -12.55 2.27 -3.44
N ASP B 57 -12.77 1.14 -4.11
CA ASP B 57 -13.42 1.16 -5.41
C ASP B 57 -14.94 1.12 -5.34
N ILE B 58 -15.48 0.50 -4.29
CA ILE B 58 -16.90 0.22 -4.26
C ILE B 58 -17.59 0.47 -2.91
N PRO B 59 -17.32 1.63 -2.31
CA PRO B 59 -17.66 1.97 -0.93
C PRO B 59 -19.16 1.97 -0.58
N ASP B 60 -20.03 2.39 -1.51
CA ASP B 60 -21.47 2.50 -1.20
C ASP B 60 -22.01 1.28 -0.45
N GLY B 61 -22.56 1.51 0.75
CA GLY B 61 -23.16 0.44 1.54
C GLY B 61 -22.39 0.22 2.82
N TYR B 62 -21.13 0.64 2.82
CA TYR B 62 -20.20 0.26 3.86
C TYR B 62 -19.53 1.44 4.53
N LYS B 63 -19.27 1.31 5.81
CA LYS B 63 -18.46 2.29 6.50
C LYS B 63 -17.36 1.60 7.29
N ALA B 64 -16.19 2.22 7.38
CA ALA B 64 -15.08 1.59 8.09
C ALA B 64 -14.45 2.49 9.13
N SER B 65 -14.40 1.99 10.35
CA SER B 65 -13.70 2.63 11.46
C SER B 65 -12.27 2.03 11.63
N ARG B 66 -11.27 2.89 11.86
CA ARG B 66 -9.91 2.41 12.18
C ARG B 66 -9.43 2.98 13.53
N PRO B 67 -9.91 2.37 14.65
CA PRO B 67 -9.67 2.84 16.02
C PRO B 67 -8.19 2.88 16.37
N SER B 68 -7.51 1.77 16.13
CA SER B 68 -6.09 1.60 16.43
C SER B 68 -5.34 1.03 15.24
N GLN B 69 -4.07 0.70 15.44
CA GLN B 69 -3.31 0.10 14.37
C GLN B 69 -3.70 -1.34 14.19
N GLU B 70 -4.38 -1.92 15.18
CA GLU B 70 -4.63 -3.37 15.17
C GLU B 70 -5.99 -3.71 14.62
N ASN B 71 -6.95 -2.81 14.78
CA ASN B 71 -8.31 -3.11 14.36
C ASN B 71 -8.84 -2.24 13.23
N PHE B 72 -9.51 -2.91 12.29
CA PHE B 72 -10.14 -2.27 11.17
C PHE B 72 -11.44 -3.02 11.04
N SER B 73 -12.55 -2.33 11.10
CA SER B 73 -13.79 -3.04 11.00
C SER B 73 -14.62 -2.34 9.97
N LEU B 74 -15.38 -3.10 9.22
CA LEU B 74 -16.36 -2.43 8.37
C LEU B 74 -17.76 -2.76 8.79
N ILE B 75 -18.62 -1.78 8.56
CA ILE B 75 -19.99 -1.79 9.04
C ILE B 75 -20.94 -1.60 7.87
N LEU B 76 -21.85 -2.54 7.70
CA LEU B 76 -22.93 -2.34 6.77
C LEU B 76 -24.02 -1.71 7.59
N GLU B 77 -24.25 -0.42 7.41
CA GLU B 77 -25.12 0.34 8.32
C GLU B 77 -26.55 -0.21 8.33
N LEU B 78 -27.09 -0.45 7.14
CA LEU B 78 -28.31 -1.24 7.00
C LEU B 78 -28.20 -2.11 5.77
N ALA B 79 -28.16 -3.41 6.04
CA ALA B 79 -27.78 -4.43 5.07
C ALA B 79 -28.77 -4.62 3.93
N THR B 80 -28.24 -5.08 2.80
CA THR B 80 -29.04 -5.41 1.64
C THR B 80 -28.58 -6.79 1.19
N PRO B 81 -29.34 -7.46 0.30
CA PRO B 81 -28.91 -8.79 -0.17
C PRO B 81 -27.80 -8.69 -1.18
N SER B 82 -27.68 -7.55 -1.84
CA SER B 82 -26.57 -7.29 -2.75
C SER B 82 -25.21 -7.36 -2.05
N GLN B 83 -25.22 -7.38 -0.71
CA GLN B 83 -23.99 -7.45 0.07
C GLN B 83 -23.69 -8.85 0.63
N THR B 84 -24.52 -9.81 0.24
CA THR B 84 -24.21 -11.20 0.53
C THR B 84 -22.96 -11.51 -0.24
N SER B 85 -21.95 -12.04 0.44
CA SER B 85 -20.66 -12.21 -0.19
C SER B 85 -19.65 -12.75 0.80
N VAL B 86 -18.43 -13.00 0.32
CA VAL B 86 -17.33 -13.37 1.20
C VAL B 86 -16.38 -12.18 1.38
N TYR B 87 -15.96 -11.92 2.62
CA TYR B 87 -15.16 -10.72 2.89
C TYR B 87 -13.75 -11.01 3.37
N PHE B 88 -12.79 -10.23 2.88
CA PHE B 88 -11.38 -10.44 3.16
C PHE B 88 -10.68 -9.17 3.61
N CYS B 89 -9.93 -9.31 4.69
CA CYS B 89 -9.17 -8.24 5.29
C CYS B 89 -7.68 -8.46 4.99
N ALA B 90 -6.95 -7.41 4.66
CA ALA B 90 -5.52 -7.57 4.45
C ALA B 90 -4.75 -6.50 5.18
N SER B 91 -3.52 -6.81 5.53
CA SER B 91 -2.64 -5.82 6.14
C SER B 91 -1.44 -5.61 5.22
N GLY B 92 -0.67 -4.57 5.43
CA GLY B 92 0.43 -4.23 4.54
C GLY B 92 1.43 -3.35 5.28
N ASP B 93 2.70 -3.76 5.28
CA ASP B 93 3.74 -3.03 5.98
C ASP B 93 3.90 -1.59 5.48
N PHE B 94 3.94 -1.41 4.16
CA PHE B 94 3.90 -0.07 3.57
C PHE B 94 3.16 -0.03 2.21
N TRP B 95 3.29 1.08 1.49
CA TRP B 95 2.44 1.30 0.32
C TRP B 95 2.95 0.62 -0.95
N GLY B 96 2.35 -0.53 -1.26
CA GLY B 96 2.70 -1.25 -2.48
C GLY B 96 3.66 -2.36 -2.16
N ASP B 97 3.52 -2.89 -0.95
CA ASP B 97 4.32 -4.01 -0.52
C ASP B 97 3.33 -5.17 -0.48
N THR B 98 3.83 -6.36 -0.20
CA THR B 98 2.98 -7.55 -0.13
C THR B 98 1.77 -7.31 0.77
N LEU B 99 0.71 -8.04 0.51
CA LEU B 99 -0.45 -7.99 1.37
C LEU B 99 -0.63 -9.33 2.04
N TYR B 100 -1.05 -9.31 3.29
CA TYR B 100 -1.29 -10.52 4.03
C TYR B 100 -2.78 -10.55 4.32
N PHE B 101 -3.42 -11.68 4.07
CA PHE B 101 -4.87 -11.75 4.06
C PHE B 101 -5.43 -12.58 5.19
N GLY B 102 -6.69 -12.34 5.51
CA GLY B 102 -7.38 -13.11 6.54
C GLY B 102 -8.06 -14.29 5.91
N ALA B 103 -8.61 -15.17 6.74
CA ALA B 103 -9.25 -16.39 6.26
C ALA B 103 -10.64 -16.16 5.73
N GLY B 104 -11.10 -14.90 5.81
CA GLY B 104 -12.35 -14.49 5.20
C GLY B 104 -13.55 -14.75 6.06
N THR B 105 -14.65 -14.06 5.77
CA THR B 105 -15.91 -14.33 6.47
C THR B 105 -17.06 -14.44 5.51
N ARG B 106 -17.97 -15.33 5.83
CA ARG B 106 -19.04 -15.65 4.93
C ARG B 106 -20.24 -14.93 5.48
N LEU B 107 -20.83 -14.07 4.65
CA LEU B 107 -21.97 -13.26 5.08
C LEU B 107 -23.15 -13.39 4.13
N SER B 108 -24.16 -14.14 4.57
CA SER B 108 -25.39 -14.23 3.81
C SER B 108 -26.46 -13.28 4.38
N VAL B 109 -27.01 -12.42 3.52
CA VAL B 109 -28.09 -11.51 3.93
C VAL B 109 -29.39 -11.75 3.15
N LEU B 110 -30.42 -12.08 3.91
CA LEU B 110 -31.74 -12.43 3.37
C LEU B 110 -32.81 -11.72 4.19
N GLU B 111 -33.91 -11.34 3.53
CA GLU B 111 -34.92 -10.48 4.17
C GLU B 111 -35.76 -11.21 5.22
N ASP B 112 -35.88 -12.52 5.10
CA ASP B 112 -36.62 -13.28 6.10
C ASP B 112 -35.69 -14.30 6.76
N LEU B 113 -35.91 -14.58 8.05
CA LEU B 113 -35.12 -15.59 8.75
C LEU B 113 -35.87 -16.90 8.93
N LYS B 114 -37.02 -17.03 8.30
CA LYS B 114 -37.77 -18.28 8.38
C LYS B 114 -37.31 -19.26 7.32
N ASN B 115 -36.55 -18.78 6.35
CA ASN B 115 -36.05 -19.63 5.26
C ASN B 115 -34.72 -20.27 5.59
N VAL B 116 -34.22 -19.99 6.81
CA VAL B 116 -33.04 -20.66 7.34
C VAL B 116 -33.40 -22.09 7.71
N PHE B 117 -32.40 -22.95 7.82
CA PHE B 117 -32.62 -24.38 8.00
C PHE B 117 -31.28 -25.05 8.25
N PRO B 118 -31.25 -26.09 9.10
CA PRO B 118 -29.99 -26.82 9.27
C PRO B 118 -29.90 -27.98 8.27
N PRO B 119 -28.73 -28.64 8.21
CA PRO B 119 -28.62 -29.71 7.24
C PRO B 119 -29.29 -30.95 7.78
N GLU B 120 -29.45 -31.92 6.89
CA GLU B 120 -29.98 -33.22 7.24
C GLU B 120 -29.03 -34.22 6.60
N VAL B 121 -28.57 -35.18 7.39
CA VAL B 121 -27.37 -35.92 7.03
C VAL B 121 -27.56 -37.41 7.10
N ALA B 122 -27.45 -38.08 5.96
CA ALA B 122 -27.38 -39.55 5.95
C ALA B 122 -26.19 -40.03 5.15
N VAL B 123 -25.51 -41.05 5.65
CA VAL B 123 -24.46 -41.69 4.90
C VAL B 123 -25.01 -42.94 4.23
N PHE B 124 -24.57 -43.20 2.99
CA PHE B 124 -25.00 -44.38 2.27
C PHE B 124 -23.86 -45.39 2.18
N GLU B 125 -24.18 -46.67 2.35
CA GLU B 125 -23.17 -47.72 2.42
C GLU B 125 -22.68 -48.21 1.04
N PRO B 126 -21.42 -48.64 0.99
CA PRO B 126 -20.81 -49.17 -0.23
C PRO B 126 -21.67 -50.24 -0.90
N SER B 127 -21.65 -50.25 -2.23
CA SER B 127 -22.32 -51.27 -3.03
C SER B 127 -21.56 -52.59 -2.97
N GLU B 128 -22.28 -53.67 -2.66
CA GLU B 128 -21.68 -54.99 -2.71
C GLU B 128 -21.05 -55.24 -4.07
N ALA B 129 -21.61 -54.59 -5.10
CA ALA B 129 -21.10 -54.73 -6.46
C ALA B 129 -19.69 -54.18 -6.57
N GLU B 130 -19.48 -52.97 -6.07
CA GLU B 130 -18.18 -52.32 -6.15
C GLU B 130 -17.14 -53.11 -5.37
N ILE B 131 -17.48 -53.47 -4.15
CA ILE B 131 -16.57 -54.25 -3.34
C ILE B 131 -16.07 -55.43 -4.14
N SER B 132 -17.00 -56.18 -4.69
CA SER B 132 -16.68 -57.36 -5.49
C SER B 132 -15.72 -57.02 -6.65
N HIS B 133 -16.10 -56.03 -7.44
CA HIS B 133 -15.37 -55.67 -8.65
C HIS B 133 -14.00 -55.02 -8.36
N THR B 134 -13.97 -54.07 -7.42
CA THR B 134 -12.80 -53.21 -7.24
C THR B 134 -11.97 -53.49 -6.00
N GLN B 135 -12.51 -54.26 -5.06
CA GLN B 135 -11.83 -54.48 -3.79
C GLN B 135 -11.71 -53.17 -3.02
N LYS B 136 -12.72 -52.33 -3.16
CA LYS B 136 -12.72 -51.00 -2.57
C LYS B 136 -14.14 -50.63 -2.18
N ALA B 137 -14.26 -49.82 -1.13
CA ALA B 137 -15.55 -49.52 -0.56
C ALA B 137 -15.71 -48.03 -0.47
N THR B 138 -16.65 -47.50 -1.24
CA THR B 138 -16.95 -46.08 -1.22
C THR B 138 -18.18 -45.86 -0.39
N LEU B 139 -18.14 -44.89 0.53
CA LEU B 139 -19.40 -44.43 1.12
C LEU B 139 -19.66 -42.97 0.77
N VAL B 140 -20.94 -42.61 0.70
CA VAL B 140 -21.32 -41.25 0.39
C VAL B 140 -22.04 -40.66 1.56
N CYS B 141 -21.73 -39.41 1.87
CA CYS B 141 -22.48 -38.65 2.85
C CYS B 141 -23.18 -37.54 2.07
N LEU B 142 -24.48 -37.37 2.32
CA LEU B 142 -25.26 -36.34 1.65
C LEU B 142 -25.85 -35.40 2.67
N ALA B 143 -25.59 -34.11 2.52
CA ALA B 143 -26.24 -33.11 3.35
C ALA B 143 -27.27 -32.35 2.51
N THR B 144 -28.50 -32.29 2.99
CA THR B 144 -29.61 -31.84 2.15
C THR B 144 -30.53 -30.87 2.86
N GLY B 145 -31.08 -29.96 2.08
CA GLY B 145 -32.15 -29.06 2.52
C GLY B 145 -31.77 -27.99 3.51
N PHE B 146 -30.59 -27.40 3.35
CA PHE B 146 -30.12 -26.40 4.30
C PHE B 146 -29.95 -25.05 3.65
N TYR B 147 -29.93 -24.00 4.47
CA TYR B 147 -29.83 -22.61 4.00
C TYR B 147 -29.33 -21.71 5.11
N PRO B 148 -28.34 -20.86 4.82
CA PRO B 148 -27.62 -20.66 3.56
C PRO B 148 -26.41 -21.60 3.43
N ASP B 149 -25.61 -21.40 2.39
CA ASP B 149 -24.51 -22.34 2.09
C ASP B 149 -23.31 -22.24 3.05
N HIS B 150 -23.58 -22.19 4.34
CA HIS B 150 -22.50 -22.09 5.34
C HIS B 150 -22.25 -23.43 6.01
N VAL B 151 -21.61 -24.37 5.33
CA VAL B 151 -21.34 -25.66 5.97
C VAL B 151 -19.86 -26.04 5.97
N GLU B 152 -19.51 -27.06 6.74
CA GLU B 152 -18.16 -27.63 6.70
C GLU B 152 -18.19 -29.11 7.04
N LEU B 153 -18.16 -29.92 5.99
CA LEU B 153 -18.29 -31.38 6.08
C LEU B 153 -16.95 -32.10 6.30
N SER B 154 -16.95 -33.08 7.20
CA SER B 154 -15.74 -33.85 7.52
C SER B 154 -16.02 -35.34 7.76
N TRP B 155 -15.03 -36.19 7.50
CA TRP B 155 -15.20 -37.60 7.81
C TRP B 155 -14.47 -37.96 9.09
N TRP B 156 -15.14 -38.71 9.93
CA TRP B 156 -14.53 -39.20 11.14
C TRP B 156 -14.55 -40.70 11.13
N VAL B 157 -13.37 -41.30 11.09
CA VAL B 157 -13.25 -42.75 11.11
C VAL B 157 -12.65 -43.22 12.42
N ASN B 158 -13.47 -43.92 13.22
CA ASN B 158 -13.03 -44.43 14.50
C ASN B 158 -12.64 -43.30 15.40
N GLY B 159 -13.45 -42.25 15.40
CA GLY B 159 -13.29 -41.11 16.30
C GLY B 159 -12.20 -40.10 15.95
N LYS B 160 -11.30 -40.49 15.04
CA LYS B 160 -10.31 -39.57 14.52
C LYS B 160 -10.77 -39.07 13.16
N GLU B 161 -10.28 -37.89 12.77
CA GLU B 161 -10.68 -37.24 11.54
C GLU B 161 -9.70 -37.63 10.47
N VAL B 162 -10.19 -37.97 9.28
CA VAL B 162 -9.34 -38.41 8.16
C VAL B 162 -9.34 -37.43 6.98
N HIS B 163 -8.27 -37.47 6.20
CA HIS B 163 -8.17 -36.61 5.02
C HIS B 163 -7.86 -37.44 3.76
N SER B 164 -6.99 -38.42 3.89
CA SER B 164 -6.78 -39.41 2.83
C SER B 164 -8.10 -40.09 2.43
N GLY B 165 -8.18 -40.55 1.19
CA GLY B 165 -9.36 -41.25 0.73
C GLY B 165 -10.62 -40.41 0.69
N VAL B 166 -10.50 -39.11 0.95
CA VAL B 166 -11.67 -38.26 1.00
C VAL B 166 -11.76 -37.21 -0.09
N CYS B 167 -12.98 -36.90 -0.48
CA CYS B 167 -13.23 -35.73 -1.32
C CYS B 167 -14.67 -35.28 -1.11
N THR B 168 -14.93 -34.03 -1.41
CA THR B 168 -16.21 -33.45 -1.10
C THR B 168 -16.43 -32.34 -2.11
N ASP B 169 -17.67 -32.17 -2.56
CA ASP B 169 -18.00 -31.20 -3.62
C ASP B 169 -17.34 -29.86 -3.37
N PRO B 170 -17.04 -29.13 -4.45
CA PRO B 170 -16.44 -27.80 -4.34
C PRO B 170 -17.47 -26.78 -3.86
N GLN B 171 -18.74 -26.99 -4.21
CA GLN B 171 -19.80 -26.08 -3.77
C GLN B 171 -21.18 -26.65 -4.02
N PRO B 172 -22.08 -26.43 -3.06
CA PRO B 172 -23.42 -26.99 -2.89
C PRO B 172 -24.29 -26.86 -4.12
N LEU B 173 -25.30 -27.72 -4.21
CA LEU B 173 -26.28 -27.71 -5.29
C LEU B 173 -27.50 -26.92 -4.89
N LYS B 174 -28.10 -26.20 -5.84
CA LYS B 174 -29.37 -25.55 -5.59
C LYS B 174 -30.42 -26.67 -5.64
N GLU B 175 -30.93 -27.07 -4.47
CA GLU B 175 -31.85 -28.21 -4.39
C GLU B 175 -33.01 -28.12 -5.36
N GLN B 176 -33.33 -26.89 -5.76
CA GLN B 176 -34.30 -26.60 -6.82
C GLN B 176 -34.13 -25.15 -7.26
N PRO B 177 -33.60 -24.96 -8.48
CA PRO B 177 -33.05 -23.68 -8.98
C PRO B 177 -34.12 -22.64 -9.34
N ALA B 178 -35.38 -23.07 -9.34
CA ALA B 178 -36.49 -22.15 -9.57
C ALA B 178 -36.51 -21.06 -8.49
N LEU B 179 -36.99 -21.40 -7.30
CA LEU B 179 -37.05 -20.47 -6.17
C LEU B 179 -35.75 -19.66 -5.98
N ASN B 180 -35.90 -18.36 -5.75
CA ASN B 180 -34.77 -17.42 -5.69
C ASN B 180 -33.91 -17.60 -4.45
N ASP B 181 -34.41 -18.41 -3.51
CA ASP B 181 -33.68 -18.75 -2.30
C ASP B 181 -33.83 -20.25 -2.03
N SER B 182 -33.18 -21.07 -2.84
CA SER B 182 -33.36 -22.51 -2.74
C SER B 182 -32.43 -23.08 -1.68
N ARG B 183 -32.94 -24.07 -0.95
CA ARG B 183 -32.11 -24.78 0.01
C ARG B 183 -31.04 -25.59 -0.72
N TYR B 184 -29.90 -25.77 -0.08
CA TYR B 184 -28.74 -26.38 -0.72
C TYR B 184 -28.57 -27.86 -0.37
N ALA B 185 -27.71 -28.53 -1.14
CA ALA B 185 -27.35 -29.91 -0.88
C ALA B 185 -25.87 -30.06 -1.22
N LEU B 186 -25.23 -31.10 -0.69
CA LEU B 186 -23.77 -31.22 -0.79
C LEU B 186 -23.30 -32.60 -0.46
N SER B 187 -22.49 -33.21 -1.33
CA SER B 187 -22.11 -34.60 -1.16
C SER B 187 -20.63 -34.78 -0.90
N SER B 188 -20.25 -35.96 -0.47
CA SER B 188 -18.86 -36.21 -0.16
C SER B 188 -18.64 -37.71 -0.09
N ARG B 189 -17.43 -38.17 -0.48
CA ARG B 189 -17.09 -39.58 -0.39
C ARG B 189 -15.90 -39.81 0.50
N LEU B 190 -15.93 -40.96 1.17
CA LEU B 190 -14.76 -41.50 1.84
C LEU B 190 -14.58 -42.86 1.20
N ARG B 191 -13.38 -43.14 0.71
CA ARG B 191 -13.15 -44.44 0.12
C ARG B 191 -12.07 -45.18 0.90
N VAL B 192 -12.34 -46.47 1.12
CA VAL B 192 -11.47 -47.32 1.91
C VAL B 192 -11.37 -48.68 1.25
N SER B 193 -10.29 -49.41 1.53
CA SER B 193 -10.15 -50.77 1.02
C SER B 193 -11.34 -51.63 1.45
N ALA B 194 -11.61 -52.73 0.74
CA ALA B 194 -12.80 -53.51 1.03
C ALA B 194 -12.69 -54.21 2.38
N THR B 195 -11.52 -54.74 2.66
CA THR B 195 -11.26 -55.41 3.94
C THR B 195 -11.63 -54.51 5.12
N PHE B 196 -11.21 -53.25 5.03
CA PHE B 196 -11.43 -52.30 6.11
C PHE B 196 -12.90 -52.14 6.47
N TRP B 197 -13.73 -51.94 5.46
CA TRP B 197 -15.13 -51.62 5.69
C TRP B 197 -15.98 -52.80 6.07
N GLN B 198 -15.62 -53.99 5.61
CA GLN B 198 -16.42 -55.16 5.97
C GLN B 198 -16.12 -55.69 7.40
N ASN B 199 -15.06 -55.16 8.01
CA ASN B 199 -14.77 -55.35 9.42
C ASN B 199 -15.70 -54.48 10.27
N PRO B 200 -16.46 -55.08 11.23
CA PRO B 200 -17.57 -54.37 11.89
C PRO B 200 -17.14 -53.64 13.16
N ARG B 201 -15.89 -53.82 13.57
CA ARG B 201 -15.32 -53.07 14.68
C ARG B 201 -15.12 -51.61 14.28
N ASN B 202 -15.06 -51.36 12.97
CA ASN B 202 -14.81 -50.04 12.40
C ASN B 202 -16.02 -49.09 12.32
N HIS B 203 -15.83 -47.88 12.82
CA HIS B 203 -16.94 -46.91 12.90
C HIS B 203 -16.77 -45.70 11.99
N PHE B 204 -17.78 -45.48 11.16
CA PHE B 204 -17.73 -44.44 10.14
C PHE B 204 -18.73 -43.33 10.45
N ARG B 205 -18.24 -42.09 10.54
CA ARG B 205 -19.13 -40.97 10.75
C ARG B 205 -18.72 -39.78 9.93
N CYS B 206 -19.71 -39.13 9.34
CA CYS B 206 -19.49 -37.87 8.65
C CYS B 206 -20.29 -36.80 9.38
N GLN B 207 -19.73 -35.62 9.48
CA GLN B 207 -20.27 -34.61 10.37
C GLN B 207 -20.20 -33.25 9.73
N VAL B 208 -21.35 -32.69 9.39
CA VAL B 208 -21.39 -31.36 8.81
C VAL B 208 -21.62 -30.27 9.88
N GLN B 209 -20.74 -29.27 9.88
CA GLN B 209 -20.93 -28.08 10.71
C GLN B 209 -21.84 -27.09 10.00
N PHE B 210 -22.93 -26.72 10.65
CA PHE B 210 -23.82 -25.71 10.09
C PHE B 210 -23.59 -24.37 10.79
N TYR B 211 -23.77 -23.27 10.06
CA TYR B 211 -23.61 -21.93 10.60
C TYR B 211 -24.87 -21.13 10.36
N GLY B 212 -25.69 -21.00 11.42
CA GLY B 212 -26.94 -20.29 11.37
C GLY B 212 -27.04 -19.18 12.41
N LEU B 213 -28.16 -19.14 13.12
CA LEU B 213 -28.49 -18.03 14.01
C LEU B 213 -27.73 -18.09 15.33
N SER B 214 -27.77 -16.99 16.08
CA SER B 214 -27.08 -16.87 17.37
C SER B 214 -28.05 -16.99 18.54
N GLU B 215 -27.54 -16.84 19.76
CA GLU B 215 -28.41 -16.78 20.93
C GLU B 215 -29.31 -15.55 20.86
N ASN B 216 -28.71 -14.43 20.43
CA ASN B 216 -29.39 -13.13 20.46
C ASN B 216 -30.03 -12.69 19.15
N ASP B 217 -30.14 -13.62 18.21
CA ASP B 217 -31.19 -13.51 17.19
C ASP B 217 -32.41 -13.97 17.97
N GLU B 218 -33.61 -13.60 17.53
CA GLU B 218 -34.79 -14.11 18.24
C GLU B 218 -35.71 -14.91 17.32
N TRP B 219 -36.17 -16.05 17.84
CA TRP B 219 -36.90 -17.01 17.02
C TRP B 219 -38.35 -17.13 17.44
N THR B 220 -39.25 -16.83 16.51
CA THR B 220 -40.69 -16.89 16.73
C THR B 220 -41.31 -18.29 16.53
N GLN B 221 -40.88 -18.99 15.48
CA GLN B 221 -41.52 -20.25 15.05
C GLN B 221 -41.56 -21.43 16.03
N ASP B 222 -42.50 -22.33 15.78
CA ASP B 222 -42.63 -23.58 16.50
C ASP B 222 -41.49 -24.53 16.15
N ARG B 223 -41.23 -24.67 14.84
CA ARG B 223 -40.04 -25.34 14.34
C ARG B 223 -38.80 -24.90 15.14
N ALA B 224 -37.93 -25.85 15.50
CA ALA B 224 -36.80 -25.53 16.37
C ALA B 224 -35.89 -24.46 15.79
N LYS B 225 -35.15 -23.74 16.65
CA LYS B 225 -34.31 -22.63 16.20
C LYS B 225 -33.10 -23.14 15.41
N PRO B 226 -32.92 -22.65 14.18
CA PRO B 226 -31.84 -23.09 13.29
C PRO B 226 -30.54 -22.38 13.62
N VAL B 227 -29.83 -22.86 14.63
CA VAL B 227 -28.62 -22.19 15.07
C VAL B 227 -27.38 -22.92 14.57
N THR B 228 -26.24 -22.25 14.63
CA THR B 228 -24.99 -22.92 14.33
C THR B 228 -24.90 -24.23 15.15
N GLN B 229 -24.70 -25.34 14.45
CA GLN B 229 -24.77 -26.65 15.11
C GLN B 229 -23.99 -27.74 14.36
N ILE B 230 -24.10 -28.96 14.86
CA ILE B 230 -23.51 -30.12 14.23
C ILE B 230 -24.56 -31.20 14.05
N VAL B 231 -24.80 -31.57 12.79
CA VAL B 231 -25.63 -32.73 12.48
C VAL B 231 -24.73 -33.87 12.03
N SER B 232 -25.03 -35.10 12.45
CA SER B 232 -24.16 -36.24 12.12
C SER B 232 -24.94 -37.43 11.57
N ALA B 233 -24.21 -38.34 10.90
CA ALA B 233 -24.74 -39.65 10.54
C ALA B 233 -23.60 -40.65 10.65
N GLU B 234 -23.88 -41.89 11.08
CA GLU B 234 -22.80 -42.87 11.24
C GLU B 234 -23.07 -44.24 10.59
N ALA B 235 -22.11 -45.18 10.73
CA ALA B 235 -22.23 -46.51 10.13
C ALA B 235 -21.07 -47.46 10.54
N TRP B 236 -21.30 -48.78 10.45
CA TRP B 236 -20.31 -49.81 10.85
C TRP B 236 -20.06 -50.89 9.74
N GLY C 1 24.36 22.97 -16.06
CA GLY C 1 24.88 21.91 -16.90
C GLY C 1 24.26 20.60 -16.51
N PRO C 2 24.51 20.16 -15.27
CA PRO C 2 23.82 19.05 -14.63
C PRO C 2 22.43 19.50 -14.19
N HIS C 3 21.65 18.59 -13.65
CA HIS C 3 20.36 18.94 -13.04
C HIS C 3 20.02 17.90 -11.97
N SER C 4 18.91 18.08 -11.28
CA SER C 4 18.64 17.29 -10.09
C SER C 4 17.20 17.36 -9.66
N LEU C 5 16.76 16.29 -9.00
CA LEU C 5 15.44 16.26 -8.39
C LEU C 5 15.55 15.63 -7.01
N ARG C 6 15.37 16.43 -5.97
CA ARG C 6 15.46 15.96 -4.61
C ARG C 6 14.14 16.15 -3.86
N TYR C 7 13.83 15.23 -2.96
CA TYR C 7 12.73 15.42 -2.04
C TYR C 7 13.21 15.54 -0.61
N PHE C 8 12.67 16.52 0.11
CA PHE C 8 13.00 16.78 1.49
C PHE C 8 11.85 16.37 2.38
N VAL C 9 12.13 15.45 3.29
CA VAL C 9 11.07 14.92 4.12
C VAL C 9 11.31 15.28 5.58
N THR C 10 10.26 15.77 6.23
CA THR C 10 10.38 16.18 7.62
C THR C 10 9.27 15.59 8.43
N ALA C 11 9.63 14.98 9.54
CA ALA C 11 8.61 14.60 10.51
C ALA C 11 8.94 15.16 11.90
N VAL C 12 8.00 15.87 12.50
CA VAL C 12 8.21 16.43 13.84
C VAL C 12 7.09 16.14 14.79
N SER C 13 7.41 15.40 15.85
CA SER C 13 6.45 15.14 16.89
C SER C 13 6.17 16.44 17.64
N ARG C 14 4.89 16.74 17.83
CA ARG C 14 4.51 17.86 18.68
C ARG C 14 3.72 17.32 19.88
N PRO C 15 4.44 16.68 20.82
CA PRO C 15 3.80 16.16 22.02
C PRO C 15 3.80 17.21 23.14
N GLY C 16 3.02 16.92 24.18
CA GLY C 16 2.23 15.69 24.23
C GLY C 16 0.88 15.83 23.56
N LEU C 17 0.72 16.89 22.75
CA LEU C 17 -0.55 17.18 22.04
C LEU C 17 -0.65 16.56 20.62
N GLY C 18 -0.56 15.24 20.57
CA GLY C 18 -0.96 14.47 19.41
C GLY C 18 -0.08 14.45 18.17
N GLU C 19 -0.76 14.43 17.04
CA GLU C 19 -0.18 14.03 15.76
C GLU C 19 1.00 14.87 15.33
N PRO C 20 2.13 14.21 15.00
CA PRO C 20 3.35 14.80 14.45
C PRO C 20 3.05 15.58 13.19
N ARG C 21 3.97 16.44 12.81
CA ARG C 21 3.78 17.20 11.58
C ARG C 21 4.58 16.59 10.43
N TYR C 22 3.89 16.32 9.34
CA TYR C 22 4.52 15.70 8.20
C TYR C 22 4.71 16.65 7.01
N MET C 23 5.95 16.82 6.59
CA MET C 23 6.26 17.74 5.52
C MET C 23 7.08 17.16 4.38
N GLU C 24 6.53 17.17 3.17
CA GLU C 24 7.31 16.72 2.01
C GLU C 24 7.42 17.85 1.02
N VAL C 25 8.60 18.01 0.44
CA VAL C 25 8.88 19.16 -0.40
C VAL C 25 9.81 18.76 -1.51
N GLY C 26 9.38 18.91 -2.76
CA GLY C 26 10.21 18.48 -3.85
C GLY C 26 10.90 19.67 -4.47
N TYR C 27 12.15 19.49 -4.91
CA TYR C 27 12.87 20.56 -5.58
C TYR C 27 13.53 20.06 -6.84
N VAL C 28 13.25 20.67 -7.97
CA VAL C 28 14.09 20.41 -9.13
C VAL C 28 15.06 21.56 -9.33
N ASP C 29 16.31 21.20 -9.58
CA ASP C 29 17.38 22.18 -9.68
C ASP C 29 17.33 23.19 -8.52
N ASP C 30 17.08 22.67 -7.34
CA ASP C 30 17.09 23.47 -6.13
C ASP C 30 16.00 24.56 -6.09
N THR C 31 14.95 24.38 -6.90
CA THR C 31 13.78 25.27 -6.82
C THR C 31 12.52 24.45 -6.49
N GLU C 32 11.87 24.82 -5.40
CA GLU C 32 10.69 24.12 -4.94
C GLU C 32 9.67 24.03 -6.07
N PHE C 33 8.94 22.92 -6.16
CA PHE C 33 7.89 22.79 -7.15
C PHE C 33 6.66 21.99 -6.69
N VAL C 34 6.83 21.18 -5.66
CA VAL C 34 5.70 20.44 -5.09
C VAL C 34 5.86 20.39 -3.59
N ARG C 35 4.75 20.38 -2.88
CA ARG C 35 4.81 20.39 -1.42
C ARG C 35 3.62 19.68 -0.80
N PHE C 36 3.85 19.14 0.39
CA PHE C 36 2.82 18.42 1.13
C PHE C 36 2.95 18.69 2.62
N ASP C 37 1.83 19.12 3.22
CA ASP C 37 1.78 19.56 4.61
C ASP C 37 0.65 18.84 5.32
N SER C 38 0.97 18.06 6.35
CA SER C 38 -0.06 17.33 7.09
C SER C 38 -1.01 18.30 7.80
N ASP C 39 -0.54 19.54 7.93
CA ASP C 39 -1.14 20.53 8.82
C ASP C 39 -2.30 21.32 8.20
N ALA C 40 -2.37 21.39 6.87
CA ALA C 40 -3.56 21.96 6.22
C ALA C 40 -4.74 21.02 6.45
N GLU C 41 -5.96 21.53 6.34
CA GLU C 41 -7.06 20.61 6.22
C GLU C 41 -7.21 20.38 4.73
N ASN C 42 -7.75 19.22 4.39
CA ASN C 42 -7.68 18.68 3.03
C ASN C 42 -6.22 18.55 2.58
N PRO C 43 -5.41 17.80 3.36
CA PRO C 43 -3.98 17.65 3.09
C PRO C 43 -3.79 16.88 1.79
N ARG C 44 -3.00 17.45 0.89
CA ARG C 44 -2.92 16.98 -0.46
C ARG C 44 -1.62 17.48 -1.09
N TYR C 45 -1.15 16.82 -2.15
CA TYR C 45 0.06 17.26 -2.84
C TYR C 45 -0.28 18.48 -3.69
N GLU C 46 0.37 19.61 -3.40
CA GLU C 46 0.12 20.86 -4.11
C GLU C 46 1.28 21.21 -5.02
N PRO C 47 0.97 21.86 -6.16
CA PRO C 47 1.98 22.42 -7.07
C PRO C 47 2.47 23.74 -6.49
N ARG C 48 3.73 24.09 -6.74
CA ARG C 48 4.27 25.36 -6.25
C ARG C 48 5.11 26.03 -7.32
N ALA C 49 4.78 25.69 -8.56
CA ALA C 49 5.33 26.35 -9.71
C ALA C 49 4.18 26.27 -10.70
N ARG C 50 3.97 27.31 -11.48
CA ARG C 50 2.84 27.30 -12.40
C ARG C 50 2.98 26.22 -13.48
N TRP C 51 4.19 26.01 -13.96
CA TRP C 51 4.38 25.01 -15.00
C TRP C 51 3.96 23.63 -14.51
N MET C 52 3.75 23.50 -13.21
CA MET C 52 3.35 22.22 -12.63
C MET C 52 1.83 22.06 -12.60
N GLU C 53 1.10 23.15 -12.76
CA GLU C 53 -0.36 23.07 -12.86
C GLU C 53 -0.69 22.26 -14.09
N GLN C 54 0.22 22.29 -15.06
CA GLN C 54 0.11 21.49 -16.27
C GLN C 54 -0.15 19.99 -16.05
N GLU C 55 0.18 19.46 -14.88
CA GLU C 55 -0.01 18.04 -14.58
C GLU C 55 -1.46 17.74 -14.28
N GLY C 56 -1.92 16.56 -14.70
CA GLY C 56 -3.32 16.19 -14.58
C GLY C 56 -3.83 16.08 -13.16
N PRO C 57 -5.06 15.55 -12.98
CA PRO C 57 -5.67 15.43 -11.66
C PRO C 57 -5.31 14.07 -11.08
N GLU C 58 -4.92 13.19 -11.99
CA GLU C 58 -4.63 11.83 -11.65
C GLU C 58 -3.17 11.73 -11.21
N TYR C 59 -2.42 12.79 -11.47
CA TYR C 59 -1.06 12.87 -10.99
C TYR C 59 -1.11 13.17 -9.50
N TRP C 60 -1.88 14.18 -9.13
CA TRP C 60 -1.92 14.61 -7.74
C TRP C 60 -2.53 13.54 -6.85
N GLU C 61 -3.51 12.81 -7.38
CA GLU C 61 -4.11 11.75 -6.57
C GLU C 61 -3.05 10.72 -6.22
N ARG C 62 -2.19 10.46 -7.18
CA ARG C 62 -1.19 9.42 -7.06
C ARG C 62 -0.16 9.77 -5.98
N GLU C 63 0.36 11.00 -6.07
CA GLU C 63 1.39 11.46 -5.15
C GLU C 63 0.85 11.68 -3.74
N THR C 64 -0.37 12.19 -3.62
CA THR C 64 -0.97 12.32 -2.30
C THR C 64 -0.97 10.99 -1.56
N GLN C 65 -1.59 10.00 -2.19
CA GLN C 65 -1.61 8.62 -1.70
C GLN C 65 -0.28 8.20 -1.08
N LYS C 66 0.79 8.32 -1.86
CA LYS C 66 2.10 7.90 -1.41
C LYS C 66 2.51 8.74 -0.22
N ALA C 67 2.32 10.04 -0.33
CA ALA C 67 2.60 10.94 0.79
C ALA C 67 1.88 10.45 2.03
N LYS C 68 0.56 10.25 1.91
CA LYS C 68 -0.23 9.77 3.04
C LYS C 68 0.43 8.59 3.74
N GLY C 69 0.82 7.60 2.95
CA GLY C 69 1.47 6.41 3.48
C GLY C 69 2.80 6.69 4.12
N ASN C 70 3.66 7.41 3.41
CA ASN C 70 4.91 7.83 3.98
C ASN C 70 4.72 8.45 5.35
N GLU C 71 3.74 9.34 5.44
CA GLU C 71 3.43 10.01 6.70
C GLU C 71 3.23 9.01 7.83
N GLN C 72 2.41 8.01 7.55
CA GLN C 72 2.09 7.00 8.53
C GLN C 72 3.34 6.21 8.95
N SER C 73 4.30 6.14 8.04
CA SER C 73 5.49 5.38 8.28
C SER C 73 6.38 6.08 9.26
N PHE C 74 6.52 7.39 9.09
CA PHE C 74 7.32 8.20 10.00
C PHE C 74 6.63 8.42 11.33
N ARG C 75 5.30 8.51 11.30
CA ARG C 75 4.53 8.63 12.52
C ARG C 75 4.95 7.59 13.52
N VAL C 76 5.19 6.36 13.07
CA VAL C 76 5.61 5.35 14.04
C VAL C 76 7.12 5.32 14.23
N ASP C 77 7.90 5.55 13.18
CA ASP C 77 9.33 5.61 13.40
C ASP C 77 9.63 6.64 14.49
N LEU C 78 9.01 7.81 14.46
CA LEU C 78 9.24 8.81 15.52
C LEU C 78 9.06 8.16 16.87
N ARG C 79 7.95 7.46 17.03
CA ARG C 79 7.60 6.83 18.30
C ARG C 79 8.49 5.63 18.64
N THR C 80 8.93 4.88 17.63
CA THR C 80 9.82 3.75 17.87
C THR C 80 11.13 4.30 18.42
N LEU C 81 11.62 5.35 17.77
CA LEU C 81 12.96 5.85 18.04
C LEU C 81 13.19 6.30 19.49
N LEU C 82 12.18 6.90 20.11
CA LEU C 82 12.31 7.34 21.49
C LEU C 82 12.75 6.18 22.37
N GLY C 83 12.04 5.06 22.28
CA GLY C 83 12.38 3.89 23.05
C GLY C 83 13.83 3.44 22.89
N CYS C 84 14.37 3.59 21.69
CA CYS C 84 15.73 3.12 21.41
C CYS C 84 16.79 4.06 21.95
N TYR C 85 16.46 5.34 22.03
CA TYR C 85 17.37 6.32 22.62
C TYR C 85 16.98 6.64 24.07
N ASN C 86 16.34 5.70 24.76
CA ASN C 86 15.88 5.91 26.14
C ASN C 86 15.44 7.36 26.39
N GLN C 87 14.51 7.86 25.57
CA GLN C 87 14.08 9.26 25.66
C GLN C 87 12.69 9.49 26.27
N SER C 88 12.55 10.62 26.96
CA SER C 88 11.33 10.99 27.66
C SER C 88 10.17 11.22 26.69
N LYS C 89 8.97 10.81 27.11
CA LYS C 89 7.82 10.81 26.20
C LYS C 89 7.19 12.19 25.92
N GLY C 90 7.57 13.21 26.70
CA GLY C 90 6.95 14.51 26.56
C GLY C 90 7.44 15.38 25.40
N GLY C 91 8.74 15.29 25.14
CA GLY C 91 9.41 16.19 24.21
C GLY C 91 9.20 15.89 22.75
N SER C 92 9.61 16.84 21.89
CA SER C 92 9.40 16.73 20.45
C SER C 92 10.70 16.43 19.71
N HIS C 93 10.60 15.59 18.68
CA HIS C 93 11.78 15.20 17.91
C HIS C 93 11.58 15.27 16.40
N THR C 94 12.67 15.01 15.69
CA THR C 94 12.75 15.30 14.27
C THR C 94 13.41 14.22 13.41
N ILE C 95 12.61 13.57 12.58
CA ILE C 95 13.19 12.77 11.51
C ILE C 95 13.21 13.59 10.24
N GLN C 96 14.38 13.62 9.60
CA GLN C 96 14.50 14.32 8.34
C GLN C 96 15.12 13.38 7.32
N VAL C 97 14.76 13.55 6.06
CA VAL C 97 15.32 12.72 4.99
C VAL C 97 15.52 13.54 3.74
N ILE C 98 16.65 13.32 3.08
CA ILE C 98 16.88 13.90 1.77
C ILE C 98 17.14 12.76 0.79
N SER C 99 16.35 12.68 -0.28
CA SER C 99 16.57 11.65 -1.28
C SER C 99 16.33 12.15 -2.68
N GLY C 100 17.22 11.81 -3.61
CA GLY C 100 17.04 12.21 -4.99
C GLY C 100 18.25 11.98 -5.87
N CYS C 101 18.21 12.57 -7.06
CA CYS C 101 19.20 12.28 -8.10
C CYS C 101 19.75 13.50 -8.76
N GLU C 102 21.08 13.56 -8.77
CA GLU C 102 21.80 14.52 -9.58
C GLU C 102 22.19 13.80 -10.89
N VAL C 103 21.91 14.44 -12.02
CA VAL C 103 22.29 13.87 -13.30
C VAL C 103 23.30 14.75 -14.04
N GLY C 104 24.24 14.10 -14.74
CA GLY C 104 25.19 14.79 -15.59
C GLY C 104 24.60 15.49 -16.80
N SER C 105 25.46 16.09 -17.59
CA SER C 105 25.06 16.80 -18.80
C SER C 105 24.64 15.76 -19.85
N ASP C 106 25.30 14.60 -19.79
CA ASP C 106 24.98 13.45 -20.63
C ASP C 106 23.77 12.69 -20.09
N GLY C 107 22.83 13.43 -19.47
CA GLY C 107 21.57 12.89 -18.98
C GLY C 107 21.64 11.60 -18.19
N ARG C 108 22.80 11.33 -17.59
CA ARG C 108 23.06 10.06 -16.92
C ARG C 108 23.19 10.25 -15.41
N LEU C 109 22.68 9.29 -14.65
CA LEU C 109 22.79 9.31 -13.20
C LEU C 109 24.25 9.58 -12.81
N LEU C 110 24.47 10.66 -12.06
CA LEU C 110 25.81 11.13 -11.72
C LEU C 110 26.10 10.87 -10.24
N ARG C 111 25.10 11.11 -9.41
CA ARG C 111 25.15 10.73 -8.00
C ARG C 111 23.73 10.58 -7.47
N GLY C 112 23.46 9.40 -6.92
CA GLY C 112 22.18 9.11 -6.31
C GLY C 112 22.40 9.15 -4.82
N TYR C 113 21.37 9.52 -4.08
CA TYR C 113 21.55 9.62 -2.64
C TYR C 113 20.27 9.63 -1.85
N GLN C 114 20.37 9.03 -0.66
CA GLN C 114 19.28 8.98 0.29
C GLN C 114 19.85 8.94 1.69
N GLN C 115 19.68 10.04 2.42
CA GLN C 115 20.21 10.18 3.78
C GLN C 115 19.15 10.60 4.80
N TYR C 116 19.17 9.89 5.92
CA TYR C 116 18.24 10.13 7.00
C TYR C 116 19.01 10.81 8.12
N ALA C 117 18.30 11.53 8.97
CA ALA C 117 18.88 12.18 10.14
C ALA C 117 17.82 12.20 11.23
N TYR C 118 18.25 11.93 12.46
CA TYR C 118 17.36 11.99 13.62
C TYR C 118 17.79 13.08 14.59
N ASP C 119 16.93 14.08 14.77
CA ASP C 119 17.23 15.24 15.61
C ASP C 119 18.49 15.92 15.11
N GLY C 120 18.59 16.05 13.79
CA GLY C 120 19.62 16.88 13.19
C GLY C 120 21.00 16.28 13.12
N SER C 121 21.12 15.03 13.53
CA SER C 121 22.37 14.32 13.35
C SER C 121 22.12 13.14 12.41
N ASP C 122 23.17 12.72 11.72
CA ASP C 122 23.07 11.62 10.77
C ASP C 122 22.58 10.35 11.42
N TYR C 123 21.88 9.53 10.66
CA TYR C 123 21.35 8.30 11.20
C TYR C 123 21.69 7.15 10.28
N ILE C 124 21.50 7.34 8.97
CA ILE C 124 21.93 6.34 8.01
C ILE C 124 21.97 6.97 6.64
N ALA C 125 22.69 6.35 5.72
CA ALA C 125 22.78 6.88 4.38
C ALA C 125 23.09 5.79 3.35
N LEU C 126 22.84 6.10 2.08
CA LEU C 126 23.23 5.21 1.03
C LEU C 126 24.62 5.59 0.61
N ASN C 127 25.43 4.60 0.24
CA ASN C 127 26.80 4.85 -0.21
C ASN C 127 26.81 5.03 -1.73
N GLU C 128 27.86 5.63 -2.26
CA GLU C 128 27.94 5.92 -3.71
C GLU C 128 27.66 4.70 -4.59
N ASP C 129 28.08 3.53 -4.11
CA ASP C 129 27.90 2.27 -4.82
C ASP C 129 26.45 1.77 -4.90
N LEU C 130 25.52 2.55 -4.35
CA LEU C 130 24.09 2.27 -4.44
C LEU C 130 23.67 0.89 -3.99
N LYS C 131 24.46 0.28 -3.10
CA LYS C 131 24.20 -1.10 -2.74
C LYS C 131 24.35 -1.30 -1.25
N THR C 132 24.95 -0.33 -0.59
CA THR C 132 25.28 -0.47 0.82
C THR C 132 24.93 0.74 1.70
N TRP C 133 24.82 0.49 2.99
CA TRP C 133 24.45 1.54 3.93
C TRP C 133 25.60 1.86 4.88
N THR C 134 25.65 3.10 5.35
CA THR C 134 26.52 3.47 6.46
C THR C 134 25.63 3.84 7.62
N ALA C 135 25.80 3.15 8.74
CA ALA C 135 24.96 3.39 9.91
C ALA C 135 25.69 4.31 10.88
N ALA C 136 25.08 5.44 11.19
CA ALA C 136 25.65 6.43 12.12
C ALA C 136 25.90 5.90 13.52
N ASP C 137 25.19 4.85 13.94
CA ASP C 137 25.35 4.35 15.30
C ASP C 137 24.62 3.05 15.56
N MET C 138 24.71 2.57 16.79
CA MET C 138 24.15 1.27 17.17
C MET C 138 22.68 1.08 16.81
N ALA C 139 21.92 2.17 16.82
CA ALA C 139 20.49 2.15 16.50
C ALA C 139 20.27 1.95 15.01
N ALA C 140 20.99 2.73 14.23
CA ALA C 140 20.92 2.66 12.77
C ALA C 140 21.50 1.34 12.23
N LEU C 141 22.28 0.65 13.04
CA LEU C 141 22.80 -0.63 12.62
C LEU C 141 21.64 -1.61 12.38
N ILE C 142 20.74 -1.70 13.37
CA ILE C 142 19.59 -2.60 13.28
C ILE C 142 18.74 -2.29 12.07
N THR C 143 18.62 -1.01 11.74
CA THR C 143 17.88 -0.61 10.56
C THR C 143 18.56 -1.15 9.31
N LYS C 144 19.79 -0.72 9.08
CA LYS C 144 20.67 -1.24 8.04
C LYS C 144 20.60 -2.77 7.93
N HIS C 145 20.69 -3.45 9.07
CA HIS C 145 20.58 -4.90 9.06
C HIS C 145 19.30 -5.41 8.40
N LYS C 146 18.17 -4.79 8.74
CA LYS C 146 16.87 -5.17 8.18
C LYS C 146 16.71 -4.78 6.72
N TRP C 147 17.26 -3.65 6.37
CA TRP C 147 17.14 -3.12 5.02
C TRP C 147 17.94 -3.92 4.00
N GLU C 148 19.00 -4.58 4.48
CA GLU C 148 19.76 -5.50 3.65
C GLU C 148 18.96 -6.78 3.58
N GLN C 149 18.53 -7.24 4.75
CA GLN C 149 17.71 -8.45 4.87
C GLN C 149 16.50 -8.50 3.91
N ALA C 150 15.95 -7.34 3.58
CA ALA C 150 14.71 -7.31 2.79
C ALA C 150 14.91 -6.88 1.34
N GLY C 151 16.14 -6.55 0.98
CA GLY C 151 16.47 -6.21 -0.39
C GLY C 151 16.04 -4.80 -0.74
N GLU C 152 16.14 -3.90 0.23
CA GLU C 152 15.74 -2.52 0.03
C GLU C 152 16.61 -1.81 -0.98
N ALA C 153 17.93 -1.98 -0.87
CA ALA C 153 18.85 -1.24 -1.73
C ALA C 153 18.47 -1.37 -3.20
N GLU C 154 18.13 -2.58 -3.64
CA GLU C 154 17.87 -2.75 -5.06
C GLU C 154 16.62 -2.02 -5.49
N ARG C 155 15.64 -2.00 -4.60
CA ARG C 155 14.35 -1.38 -4.89
C ARG C 155 14.40 0.14 -4.91
N LEU C 156 15.30 0.70 -4.11
CA LEU C 156 15.50 2.14 -4.12
C LEU C 156 16.32 2.52 -5.36
N ARG C 157 17.40 1.77 -5.57
CA ARG C 157 18.24 1.93 -6.75
C ARG C 157 17.41 1.98 -8.05
N ALA C 158 16.41 1.09 -8.15
CA ALA C 158 15.46 1.16 -9.26
C ALA C 158 14.93 2.57 -9.41
N TYR C 159 14.28 3.05 -8.36
CA TYR C 159 13.79 4.42 -8.26
C TYR C 159 14.88 5.44 -8.60
N LEU C 160 16.00 5.37 -7.88
CA LEU C 160 17.09 6.30 -8.08
C LEU C 160 17.61 6.37 -9.54
N GLU C 161 17.91 5.23 -10.14
CA GLU C 161 18.38 5.21 -11.53
C GLU C 161 17.24 5.30 -12.56
N GLY C 162 16.11 4.69 -12.26
CA GLY C 162 15.01 4.69 -13.20
C GLY C 162 14.07 5.85 -13.05
N THR C 163 13.01 5.61 -12.28
CA THR C 163 11.91 6.54 -12.10
C THR C 163 12.36 7.98 -11.95
N CYS C 164 13.20 8.20 -10.94
CA CYS C 164 13.64 9.55 -10.61
C CYS C 164 14.18 10.25 -11.83
N VAL C 165 15.27 9.72 -12.35
CA VAL C 165 15.91 10.25 -13.55
C VAL C 165 14.95 10.48 -14.75
N GLU C 166 14.00 9.57 -14.98
CA GLU C 166 13.03 9.77 -16.06
C GLU C 166 12.17 11.00 -15.81
N TRP C 167 11.78 11.18 -14.55
CA TRP C 167 10.85 12.22 -14.20
C TRP C 167 11.51 13.57 -14.06
N LEU C 168 12.81 13.55 -13.83
CA LEU C 168 13.55 14.79 -13.88
C LEU C 168 13.39 15.28 -15.33
N ARG C 169 13.53 14.38 -16.30
CA ARG C 169 13.39 14.76 -17.70
C ARG C 169 12.01 15.36 -17.96
N ARG C 170 10.99 14.67 -17.51
CA ARG C 170 9.63 15.14 -17.74
C ARG C 170 9.40 16.50 -17.12
N TYR C 171 9.97 16.73 -15.94
CA TYR C 171 9.80 18.02 -15.29
C TYR C 171 10.60 19.10 -16.02
N LEU C 172 11.80 18.75 -16.48
CA LEU C 172 12.60 19.70 -17.23
C LEU C 172 11.87 20.15 -18.49
N LYS C 173 11.59 19.22 -19.41
CA LYS C 173 10.83 19.57 -20.61
C LYS C 173 9.66 20.46 -20.27
N ASN C 174 8.98 20.13 -19.19
CA ASN C 174 7.84 20.91 -18.71
C ASN C 174 8.20 22.34 -18.33
N GLY C 175 9.46 22.59 -18.01
CA GLY C 175 9.82 23.86 -17.42
C GLY C 175 11.10 24.52 -17.91
N ASN C 176 11.67 24.00 -19.00
CA ASN C 176 12.84 24.61 -19.66
C ASN C 176 12.72 26.13 -19.53
N ALA C 177 11.49 26.59 -19.74
CA ALA C 177 11.15 28.01 -19.70
C ALA C 177 11.46 28.68 -18.37
N THR C 178 10.59 28.45 -17.41
CA THR C 178 10.61 29.17 -16.15
C THR C 178 11.90 28.94 -15.38
N LEU C 179 12.54 27.81 -15.63
CA LEU C 179 13.68 27.38 -14.82
C LEU C 179 15.02 27.95 -15.25
N LEU C 180 15.30 27.95 -16.54
CA LEU C 180 16.57 28.48 -17.00
C LEU C 180 16.48 29.96 -17.27
N ARG C 181 15.41 30.58 -16.79
CA ARG C 181 15.27 32.02 -16.89
C ARG C 181 16.35 32.73 -16.08
N THR C 182 16.49 34.04 -16.31
CA THR C 182 17.64 34.76 -15.78
C THR C 182 17.40 36.28 -15.74
N ASP C 183 17.47 36.84 -14.53
CA ASP C 183 17.28 38.27 -14.28
C ASP C 183 18.55 38.90 -13.74
N SER C 184 19.09 39.85 -14.48
CA SER C 184 20.32 40.50 -14.07
C SER C 184 20.09 41.44 -12.88
N PRO C 185 21.09 41.52 -12.00
CA PRO C 185 21.01 42.33 -10.80
C PRO C 185 21.03 43.82 -11.10
N LYS C 186 20.18 44.59 -10.43
CA LYS C 186 20.18 46.04 -10.57
C LYS C 186 21.03 46.62 -9.43
N ALA C 187 22.07 47.37 -9.79
CA ALA C 187 23.06 47.76 -8.79
C ALA C 187 23.22 49.27 -8.61
N HIS C 188 23.49 49.67 -7.36
CA HIS C 188 23.70 51.06 -7.00
C HIS C 188 24.47 51.18 -5.69
N VAL C 189 25.17 52.30 -5.50
CA VAL C 189 26.06 52.45 -4.34
C VAL C 189 25.63 53.57 -3.40
N THR C 190 25.22 53.22 -2.19
CA THR C 190 24.81 54.25 -1.23
C THR C 190 25.98 54.71 -0.38
N HIS C 191 25.75 55.80 0.33
CA HIS C 191 26.79 56.51 1.03
C HIS C 191 26.26 57.03 2.38
N HIS C 192 26.96 56.67 3.46
CA HIS C 192 26.60 57.17 4.78
C HIS C 192 27.82 57.65 5.55
N SER C 193 27.67 58.81 6.18
CA SER C 193 28.75 59.36 6.98
C SER C 193 28.96 58.65 8.32
N ARG C 194 30.23 58.53 8.68
CA ARG C 194 30.65 57.94 9.93
C ARG C 194 31.40 59.01 10.74
N PRO C 195 31.33 58.91 12.07
CA PRO C 195 31.81 59.98 12.94
C PRO C 195 33.13 60.58 12.49
N GLU C 196 34.20 59.77 12.53
CA GLU C 196 35.54 60.34 12.47
C GLU C 196 36.05 60.71 11.07
N ASP C 197 35.26 61.50 10.34
CA ASP C 197 35.62 61.88 8.98
C ASP C 197 35.82 60.60 8.19
N LYS C 198 35.02 59.59 8.54
CA LYS C 198 34.98 58.30 7.86
C LYS C 198 33.66 58.18 7.09
N VAL C 199 33.65 57.30 6.09
CA VAL C 199 32.42 56.99 5.37
C VAL C 199 32.22 55.48 5.17
N THR C 200 30.97 55.07 5.07
CA THR C 200 30.66 53.69 4.71
C THR C 200 30.09 53.68 3.30
N LEU C 201 30.69 52.86 2.45
CA LEU C 201 30.19 52.67 1.09
C LEU C 201 29.49 51.33 0.97
N ARG C 202 28.25 51.36 0.51
CA ARG C 202 27.50 50.14 0.40
C ARG C 202 27.07 49.91 -1.02
N CYS C 203 27.51 48.78 -1.56
CA CYS C 203 27.18 48.39 -2.92
C CYS C 203 26.01 47.42 -2.89
N TRP C 204 24.94 47.79 -3.59
CA TRP C 204 23.71 47.00 -3.57
C TRP C 204 23.50 46.23 -4.85
N ALA C 205 22.82 45.09 -4.76
CA ALA C 205 22.48 44.29 -5.92
C ALA C 205 21.09 43.75 -5.69
N LEU C 206 20.17 44.06 -6.61
CA LEU C 206 18.76 43.82 -6.36
C LEU C 206 18.02 43.15 -7.52
N GLY C 207 17.05 42.31 -7.19
CA GLY C 207 16.18 41.72 -8.18
C GLY C 207 16.86 40.78 -9.17
N PHE C 208 17.84 40.03 -8.70
CA PHE C 208 18.51 39.09 -9.59
C PHE C 208 18.08 37.65 -9.32
N TYR C 209 18.01 36.86 -10.39
CA TYR C 209 17.79 35.42 -10.30
C TYR C 209 18.71 34.88 -11.38
N PRO C 210 19.45 33.79 -11.10
CA PRO C 210 19.49 32.89 -9.95
C PRO C 210 20.07 33.56 -8.72
N ALA C 211 20.40 32.73 -7.73
CA ALA C 211 20.79 33.21 -6.43
C ALA C 211 22.29 33.40 -6.24
N ASP C 212 23.14 32.81 -7.09
CA ASP C 212 24.57 33.07 -6.90
C ASP C 212 25.11 34.26 -7.64
N ILE C 213 25.92 35.02 -6.90
CA ILE C 213 26.37 36.32 -7.30
C ILE C 213 27.59 36.58 -6.45
N THR C 214 28.56 37.31 -6.99
CA THR C 214 29.73 37.64 -6.19
C THR C 214 30.01 39.11 -6.38
N LEU C 215 29.84 39.88 -5.32
CA LEU C 215 30.26 41.27 -5.39
C LEU C 215 31.51 41.51 -4.54
N THR C 216 32.32 42.47 -4.99
CA THR C 216 33.69 42.62 -4.57
C THR C 216 33.99 44.11 -4.56
N TRP C 217 34.94 44.49 -3.72
CA TRP C 217 35.34 45.88 -3.60
C TRP C 217 36.82 45.97 -3.83
N GLN C 218 37.25 46.88 -4.69
CA GLN C 218 38.68 47.10 -4.81
C GLN C 218 39.10 48.56 -4.83
N LEU C 219 40.37 48.76 -4.46
CA LEU C 219 41.09 50.02 -4.73
C LEU C 219 42.44 49.65 -5.32
N ASN C 220 42.88 50.39 -6.33
CA ASN C 220 44.12 50.05 -7.02
C ASN C 220 44.11 48.60 -7.48
N GLY C 221 42.97 48.17 -8.03
CA GLY C 221 42.88 46.85 -8.64
C GLY C 221 42.95 45.66 -7.70
N GLU C 222 43.11 45.90 -6.41
CA GLU C 222 43.11 44.79 -5.44
C GLU C 222 41.80 44.66 -4.67
N GLU C 223 41.24 43.45 -4.69
CA GLU C 223 40.01 43.14 -3.96
C GLU C 223 40.24 43.29 -2.46
N LEU C 224 39.27 43.89 -1.77
CA LEU C 224 39.40 44.24 -0.35
C LEU C 224 38.76 43.21 0.58
N ILE C 225 39.18 41.96 0.49
CA ILE C 225 38.45 40.89 1.16
C ILE C 225 38.40 41.00 2.68
N GLN C 226 39.49 41.42 3.34
CA GLN C 226 39.48 41.50 4.81
C GLN C 226 38.90 42.81 5.33
N ASP C 227 38.08 43.46 4.51
CA ASP C 227 37.57 44.78 4.87
C ASP C 227 36.07 44.90 4.70
N MET C 228 35.48 43.94 3.98
CA MET C 228 34.07 43.99 3.68
C MET C 228 33.20 43.39 4.76
N GLU C 229 32.14 44.11 5.11
CA GLU C 229 30.99 43.47 5.69
C GLU C 229 30.20 43.00 4.47
N LEU C 230 29.60 41.82 4.56
CA LEU C 230 28.84 41.31 3.46
C LEU C 230 27.79 40.33 3.97
N VAL C 231 26.54 40.52 3.54
CA VAL C 231 25.42 39.74 4.05
C VAL C 231 25.20 38.48 3.22
N GLU C 232 24.71 37.42 3.87
CA GLU C 232 24.26 36.24 3.15
C GLU C 232 23.19 36.69 2.18
N THR C 233 23.13 36.06 1.01
CA THR C 233 22.18 36.43 -0.02
C THR C 233 20.78 36.09 0.44
N ARG C 234 19.83 36.94 0.11
CA ARG C 234 18.50 36.80 0.68
C ARG C 234 17.34 37.05 -0.31
N PRO C 235 16.24 36.31 -0.14
CA PRO C 235 15.04 36.39 -0.97
C PRO C 235 14.31 37.73 -0.85
N ALA C 236 14.03 38.36 -1.98
CA ALA C 236 13.12 39.50 -1.96
C ALA C 236 11.73 38.99 -1.65
N GLY C 237 11.46 37.73 -2.01
CA GLY C 237 10.13 37.13 -1.93
C GLY C 237 9.38 37.28 -3.24
N ASP C 238 10.15 37.38 -4.33
CA ASP C 238 9.64 37.75 -5.64
C ASP C 238 9.26 36.62 -6.57
N GLY C 239 10.14 35.63 -6.72
CA GLY C 239 11.36 35.51 -5.95
C GLY C 239 12.62 35.79 -6.72
N THR C 240 13.01 37.06 -6.70
CA THR C 240 14.38 37.43 -7.02
C THR C 240 15.21 37.40 -5.74
N PHE C 241 16.44 37.91 -5.80
CA PHE C 241 17.29 37.95 -4.62
C PHE C 241 18.00 39.28 -4.43
N GLN C 242 18.51 39.49 -3.21
CA GLN C 242 19.26 40.69 -2.85
C GLN C 242 20.57 40.32 -2.20
N LYS C 243 21.53 41.25 -2.24
CA LYS C 243 22.79 41.09 -1.53
C LYS C 243 23.53 42.41 -1.52
N TRP C 244 24.23 42.72 -0.44
CA TRP C 244 25.07 43.91 -0.44
C TRP C 244 26.45 43.67 0.17
N ALA C 245 27.37 44.56 -0.17
CA ALA C 245 28.72 44.50 0.36
C ALA C 245 29.10 45.92 0.66
N SER C 246 29.58 46.15 1.88
CA SER C 246 29.96 47.48 2.30
C SER C 246 31.39 47.46 2.83
N VAL C 247 31.91 48.63 3.16
CA VAL C 247 33.31 48.78 3.46
C VAL C 247 33.58 50.20 3.91
N VAL C 248 34.52 50.35 4.84
CA VAL C 248 34.84 51.64 5.44
C VAL C 248 35.86 52.46 4.63
N VAL C 249 35.61 53.76 4.55
CA VAL C 249 36.45 54.62 3.73
C VAL C 249 36.65 56.01 4.38
N PRO C 250 37.85 56.58 4.20
CA PRO C 250 38.12 57.95 4.65
C PRO C 250 37.40 59.01 3.80
N LEU C 251 36.91 60.05 4.47
CA LEU C 251 36.06 61.07 3.84
C LEU C 251 36.82 61.89 2.80
N GLY C 252 36.49 61.67 1.53
CA GLY C 252 37.14 62.34 0.43
C GLY C 252 37.80 61.36 -0.53
N LYS C 253 38.46 60.35 0.04
CA LYS C 253 39.14 59.35 -0.77
C LYS C 253 38.19 58.37 -1.49
N GLU C 254 36.88 58.64 -1.43
CA GLU C 254 35.92 57.68 -2.00
C GLU C 254 36.14 57.38 -3.48
N GLN C 255 36.56 58.37 -4.26
CA GLN C 255 36.64 58.18 -5.71
C GLN C 255 37.65 57.09 -6.15
N TYR C 256 38.44 56.59 -5.20
CA TYR C 256 39.42 55.54 -5.48
C TYR C 256 38.85 54.14 -5.29
N TYR C 257 37.56 54.06 -4.95
CA TYR C 257 36.92 52.79 -4.57
C TYR C 257 35.87 52.33 -5.57
N THR C 258 36.03 51.10 -6.08
CA THR C 258 35.13 50.55 -7.09
C THR C 258 34.46 49.24 -6.66
N CYS C 259 33.19 49.10 -7.03
CA CYS C 259 32.44 47.89 -6.75
C CYS C 259 32.39 46.96 -7.96
N HIS C 260 32.21 45.66 -7.73
CA HIS C 260 32.25 44.69 -8.81
C HIS C 260 31.19 43.59 -8.70
N VAL C 261 30.33 43.44 -9.70
CA VAL C 261 29.23 42.49 -9.60
C VAL C 261 29.23 41.37 -10.64
N TYR C 262 29.81 40.23 -10.28
CA TYR C 262 29.81 39.07 -11.17
C TYR C 262 28.55 38.25 -11.01
N HIS C 263 27.74 38.17 -12.06
CA HIS C 263 26.51 37.36 -12.03
C HIS C 263 26.20 36.82 -13.43
N GLN C 264 25.72 35.59 -13.51
CA GLN C 264 25.66 34.91 -14.79
C GLN C 264 24.75 35.55 -15.84
N GLY C 265 23.87 36.46 -15.41
CA GLY C 265 22.91 37.07 -16.32
C GLY C 265 23.44 38.29 -17.03
N LEU C 266 24.51 38.88 -16.50
CA LEU C 266 25.13 40.04 -17.13
C LEU C 266 26.39 39.67 -17.92
N PRO C 267 26.40 40.05 -19.21
CA PRO C 267 27.37 39.70 -20.25
C PRO C 267 28.81 40.01 -19.83
N GLU C 268 29.02 41.17 -19.21
CA GLU C 268 30.33 41.56 -18.72
C GLU C 268 30.15 42.10 -17.30
N PRO C 269 30.99 41.63 -16.36
CA PRO C 269 30.92 42.02 -14.95
C PRO C 269 30.79 43.53 -14.78
N LEU C 270 29.86 43.96 -13.93
CA LEU C 270 29.67 45.40 -13.66
C LEU C 270 30.81 45.97 -12.86
N THR C 271 31.05 47.26 -13.02
CA THR C 271 32.06 47.95 -12.25
C THR C 271 31.44 49.27 -11.80
N LEU C 272 31.22 49.40 -10.49
CA LEU C 272 30.46 50.55 -9.97
C LEU C 272 31.28 51.53 -9.13
N ARG C 273 30.71 52.71 -8.92
CA ARG C 273 31.38 53.83 -8.23
C ARG C 273 30.36 54.89 -7.76
N TRP C 274 30.67 55.55 -6.64
CA TRP C 274 29.88 56.70 -6.13
C TRP C 274 30.61 58.01 -6.46
N GLU C 275 29.88 59.11 -6.71
CA GLU C 275 28.42 59.19 -6.56
C GLU C 275 27.65 58.82 -7.82
N GLY D 1 22.40 14.38 19.42
CA GLY D 1 21.94 15.47 18.58
C GLY D 1 21.86 16.82 19.28
N ILE D 2 22.68 17.78 18.83
CA ILE D 2 22.71 19.13 19.41
C ILE D 2 21.92 20.15 18.58
N GLN D 3 21.93 21.41 19.01
CA GLN D 3 21.00 22.41 18.47
C GLN D 3 21.58 23.75 17.96
N LYS D 4 21.23 24.09 16.72
CA LYS D 4 21.76 25.27 16.06
C LYS D 4 20.89 26.52 16.26
N THR D 5 21.56 27.66 16.44
CA THR D 5 20.90 28.95 16.70
C THR D 5 20.64 29.84 15.47
N PRO D 6 19.42 30.42 15.37
CA PRO D 6 18.87 31.10 14.18
C PRO D 6 19.62 32.35 13.79
N GLN D 7 19.77 32.58 12.50
CA GLN D 7 20.39 33.78 11.98
C GLN D 7 19.28 34.63 11.46
N ILE D 8 19.45 35.94 11.57
CA ILE D 8 18.37 36.84 11.17
C ILE D 8 18.77 37.99 10.27
N GLN D 9 17.92 38.26 9.30
CA GLN D 9 17.99 39.50 8.57
C GLN D 9 16.62 40.15 8.49
N VAL D 10 16.58 41.45 8.72
CA VAL D 10 15.33 42.18 8.59
C VAL D 10 15.53 43.27 7.57
N TYR D 11 14.73 43.20 6.50
CA TYR D 11 14.90 44.10 5.37
C TYR D 11 13.63 44.21 4.53
N SER D 12 13.60 45.22 3.68
CA SER D 12 12.46 45.48 2.84
C SER D 12 12.74 44.96 1.45
N ARG D 13 11.68 44.48 0.81
CA ARG D 13 11.74 44.02 -0.57
C ARG D 13 12.15 45.14 -1.53
N HIS D 14 11.49 46.29 -1.44
CA HIS D 14 11.83 47.42 -2.30
C HIS D 14 12.48 48.52 -1.50
N PRO D 15 13.51 49.17 -2.09
CA PRO D 15 14.29 50.23 -1.45
C PRO D 15 13.37 51.30 -0.89
N PRO D 16 13.22 51.33 0.43
CA PRO D 16 12.19 52.08 1.16
C PRO D 16 12.07 53.52 0.69
N GLU D 17 10.84 53.93 0.42
CA GLU D 17 10.52 55.34 0.18
C GLU D 17 9.31 55.67 1.05
N ASN D 18 9.41 56.76 1.80
CA ASN D 18 8.42 57.03 2.82
C ASN D 18 7.05 57.25 2.22
N GLY D 19 6.05 56.56 2.76
CA GLY D 19 4.69 56.77 2.29
C GLY D 19 4.28 55.80 1.21
N LYS D 20 5.25 55.11 0.61
CA LYS D 20 4.95 54.20 -0.50
C LYS D 20 4.97 52.76 -0.02
N PRO D 21 3.91 52.00 -0.35
CA PRO D 21 3.70 50.64 0.18
C PRO D 21 4.88 49.75 -0.12
N ASN D 22 5.02 48.71 0.67
CA ASN D 22 6.20 47.90 0.59
C ASN D 22 5.93 46.62 1.34
N ILE D 23 6.90 45.72 1.34
CA ILE D 23 6.81 44.54 2.17
C ILE D 23 8.09 44.50 2.98
N LEU D 24 7.93 44.17 4.25
CA LEU D 24 9.06 43.98 5.13
C LEU D 24 9.14 42.51 5.45
N ASN D 25 10.29 41.92 5.19
CA ASN D 25 10.45 40.56 5.63
C ASN D 25 11.59 40.32 6.58
N CYS D 26 11.51 39.18 7.24
CA CYS D 26 12.45 38.76 8.24
C CYS D 26 12.89 37.34 7.87
N TYR D 27 14.15 37.19 7.54
CA TYR D 27 14.68 35.94 7.01
C TYR D 27 15.50 35.24 8.09
N VAL D 28 14.94 34.17 8.63
CA VAL D 28 15.54 33.42 9.74
C VAL D 28 16.09 32.10 9.25
N THR D 29 17.34 31.82 9.54
CA THR D 29 17.97 30.65 8.96
C THR D 29 18.83 29.90 9.95
N GLN D 30 19.24 28.70 9.60
CA GLN D 30 20.31 28.00 10.31
C GLN D 30 19.95 27.51 11.69
N PHE D 31 18.69 27.13 11.91
CA PHE D 31 18.30 26.67 13.23
C PHE D 31 17.86 25.22 13.37
N HIS D 32 18.22 24.61 14.49
CA HIS D 32 17.59 23.38 14.92
C HIS D 32 17.12 23.57 16.37
N PRO D 33 15.94 23.05 16.74
CA PRO D 33 14.91 22.28 16.02
C PRO D 33 14.03 23.21 15.20
N PRO D 34 13.04 22.66 14.50
CA PRO D 34 12.24 23.48 13.59
C PRO D 34 11.21 24.33 14.30
N HIS D 35 10.88 24.00 15.53
CA HIS D 35 9.90 24.84 16.22
C HIS D 35 10.52 26.15 16.65
N ILE D 36 9.97 27.22 16.08
CA ILE D 36 10.42 28.56 16.36
C ILE D 36 9.17 29.40 16.45
N GLU D 37 9.23 30.53 17.14
CA GLU D 37 8.15 31.49 16.96
C GLU D 37 8.71 32.86 16.68
N ILE D 38 8.03 33.59 15.82
CA ILE D 38 8.58 34.80 15.24
C ILE D 38 7.55 35.90 15.29
N GLN D 39 7.93 37.00 15.92
CA GLN D 39 7.07 38.15 16.08
C GLN D 39 7.60 39.29 15.24
N MET D 40 6.68 39.98 14.55
CA MET D 40 7.01 41.23 13.88
C MET D 40 6.51 42.37 14.74
N LEU D 41 7.27 43.44 14.85
CA LEU D 41 6.93 44.57 15.73
C LEU D 41 6.92 45.91 15.02
N LYS D 42 5.85 46.67 15.22
CA LYS D 42 5.80 48.03 14.71
C LYS D 42 5.75 49.00 15.91
N ASN D 43 6.61 50.02 15.88
CA ASN D 43 6.62 50.97 16.97
C ASN D 43 6.52 50.21 18.28
N GLY D 44 7.30 49.14 18.40
CA GLY D 44 7.37 48.35 19.62
C GLY D 44 6.10 47.59 20.02
N LYS D 45 5.21 47.37 19.07
CA LYS D 45 4.00 46.60 19.34
C LYS D 45 3.84 45.48 18.31
N LYS D 46 3.27 44.36 18.74
CA LYS D 46 3.10 43.20 17.86
C LYS D 46 2.19 43.53 16.68
N ILE D 47 2.54 42.98 15.53
CA ILE D 47 1.69 43.06 14.34
C ILE D 47 0.92 41.76 14.22
N PRO D 48 -0.37 41.85 13.88
CA PRO D 48 -1.25 40.67 13.87
C PRO D 48 -1.14 39.94 12.56
N LYS D 49 -1.02 40.70 11.48
CA LYS D 49 -1.28 40.17 10.14
C LYS D 49 -0.03 39.71 9.36
N VAL D 50 0.76 38.83 9.96
CA VAL D 50 2.06 38.47 9.38
C VAL D 50 2.00 37.14 8.67
N GLU D 51 2.30 37.15 7.37
CA GLU D 51 2.39 35.94 6.55
C GLU D 51 3.74 35.24 6.70
N MET D 52 3.75 33.93 6.50
CA MET D 52 4.99 33.17 6.63
C MET D 52 5.20 32.29 5.40
N SER D 53 6.34 32.43 4.75
CA SER D 53 6.68 31.50 3.69
C SER D 53 6.73 30.18 4.41
N ASP D 54 6.56 29.08 3.69
CA ASP D 54 6.56 27.77 4.32
C ASP D 54 7.98 27.31 4.70
N MET D 55 8.04 26.50 5.75
CA MET D 55 9.32 26.01 6.28
C MET D 55 10.07 25.07 5.32
N SER D 56 11.39 25.02 5.47
CA SER D 56 12.22 24.18 4.62
C SER D 56 13.51 23.83 5.36
N PHE D 57 14.37 23.01 4.76
CA PHE D 57 15.71 22.88 5.33
C PHE D 57 16.78 22.68 4.29
N SER D 58 18.01 22.51 4.77
CA SER D 58 19.18 22.48 3.89
C SER D 58 19.98 21.25 4.16
N LYS D 59 21.01 21.01 3.34
CA LYS D 59 21.89 19.86 3.53
C LYS D 59 22.42 19.90 4.96
N ASP D 60 22.69 21.10 5.44
CA ASP D 60 22.90 21.34 6.87
C ASP D 60 22.11 20.41 7.78
N TRP D 61 20.83 20.24 7.43
CA TRP D 61 19.78 19.70 8.28
C TRP D 61 19.08 20.87 8.99
N SER D 62 19.66 22.07 8.88
CA SER D 62 19.14 23.28 9.53
C SER D 62 17.92 23.85 8.79
N PHE D 63 17.04 24.53 9.50
CA PHE D 63 15.82 25.02 8.85
C PHE D 63 15.88 26.47 8.46
N TYR D 64 14.99 26.87 7.57
CA TYR D 64 14.82 28.28 7.30
C TYR D 64 13.36 28.56 7.01
N ILE D 65 13.04 29.85 7.03
CA ILE D 65 11.66 30.28 7.04
C ILE D 65 11.73 31.76 6.73
N LEU D 66 10.66 32.33 6.18
CA LEU D 66 10.72 33.72 5.78
C LEU D 66 9.39 34.38 6.03
N ALA D 67 9.31 35.10 7.16
CA ALA D 67 8.09 35.79 7.57
C ALA D 67 8.11 37.19 7.01
N HIS D 68 6.96 37.69 6.58
CA HIS D 68 6.87 39.00 5.97
C HIS D 68 5.49 39.58 6.16
N THR D 69 5.35 40.88 5.90
CA THR D 69 4.08 41.55 6.03
C THR D 69 4.17 42.84 5.25
N GLU D 70 3.01 43.38 4.89
CA GLU D 70 2.94 44.64 4.18
C GLU D 70 3.16 45.75 5.20
N PHE D 71 3.65 46.89 4.75
CA PHE D 71 3.78 48.05 5.63
C PHE D 71 4.10 49.28 4.82
N THR D 72 4.16 50.44 5.46
CA THR D 72 4.52 51.66 4.74
C THR D 72 5.41 52.58 5.56
N PRO D 73 6.70 52.61 5.21
CA PRO D 73 7.74 53.41 5.84
C PRO D 73 7.24 54.82 6.10
N THR D 74 7.64 55.37 7.25
CA THR D 74 7.49 56.79 7.55
C THR D 74 8.81 57.18 8.21
N GLU D 75 9.07 58.47 8.32
CA GLU D 75 10.32 58.93 8.90
C GLU D 75 10.36 58.56 10.36
N THR D 76 9.19 58.26 10.91
CA THR D 76 9.03 58.12 12.35
C THR D 76 9.06 56.68 12.82
N ASP D 77 8.28 55.82 12.17
CA ASP D 77 7.96 54.51 12.73
C ASP D 77 9.16 53.58 12.77
N THR D 78 9.04 52.54 13.59
CA THR D 78 10.15 51.62 13.82
C THR D 78 9.68 50.17 13.75
N TYR D 79 10.47 49.33 13.08
CA TYR D 79 10.11 47.92 12.92
C TYR D 79 11.20 46.96 13.42
N ALA D 80 10.78 45.89 14.08
CA ALA D 80 11.74 44.93 14.58
C ALA D 80 11.18 43.53 14.38
N CYS D 81 12.06 42.56 14.48
CA CYS D 81 11.65 41.17 14.38
C CYS D 81 12.08 40.49 15.66
N ARG D 82 11.19 39.73 16.29
CA ARG D 82 11.55 39.08 17.54
C ARG D 82 11.37 37.60 17.39
N VAL D 83 12.43 36.88 17.69
CA VAL D 83 12.52 35.48 17.38
C VAL D 83 12.86 34.72 18.63
N LYS D 84 11.85 34.09 19.22
CA LYS D 84 12.07 33.18 20.33
C LYS D 84 12.40 31.78 19.79
N HIS D 85 13.43 31.15 20.35
CA HIS D 85 13.85 29.82 19.93
C HIS D 85 14.71 29.16 20.99
N ASP D 86 14.48 27.86 21.22
CA ASP D 86 15.16 27.08 22.24
C ASP D 86 16.66 27.29 22.37
N SER D 87 17.34 27.58 21.27
CA SER D 87 18.80 27.60 21.29
C SER D 87 19.35 28.84 21.97
N MET D 88 18.46 29.73 22.38
CA MET D 88 18.84 30.97 23.03
C MET D 88 18.16 31.11 24.38
N ALA D 89 18.94 31.45 25.40
CA ALA D 89 18.39 31.69 26.73
C ALA D 89 17.28 32.75 26.70
N GLU D 90 17.60 33.88 26.07
CA GLU D 90 16.64 34.97 25.96
C GLU D 90 16.37 35.35 24.49
N PRO D 91 15.10 35.67 24.18
CA PRO D 91 14.56 35.99 22.84
C PRO D 91 15.28 37.14 22.14
N LYS D 92 16.06 36.85 21.09
CA LYS D 92 16.71 37.88 20.28
C LYS D 92 15.74 38.70 19.42
N THR D 93 16.05 39.98 19.29
CA THR D 93 15.19 40.89 18.53
C THR D 93 16.06 41.81 17.67
N VAL D 94 15.63 42.01 16.43
CA VAL D 94 16.43 42.71 15.43
C VAL D 94 15.75 43.93 14.83
N TYR D 95 16.42 45.06 14.93
CA TYR D 95 15.84 46.30 14.50
C TYR D 95 16.07 46.55 13.01
N TRP D 96 15.03 47.03 12.33
CA TRP D 96 15.13 47.28 10.90
C TRP D 96 15.92 48.55 10.65
N ASP D 97 16.95 48.43 9.81
CA ASP D 97 17.72 49.59 9.38
C ASP D 97 17.53 49.73 7.88
N ARG D 98 17.04 50.90 7.47
CA ARG D 98 16.66 51.12 6.09
C ARG D 98 17.90 51.27 5.24
N ASP D 99 19.05 51.32 5.88
CA ASP D 99 20.29 51.52 5.16
C ASP D 99 20.97 50.17 4.93
N MET D 100 20.34 49.11 5.43
CA MET D 100 20.85 47.76 5.23
C MET D 100 19.79 46.64 5.19
N TRP E 1 8.63 12.69 -8.72
CA TRP E 1 8.01 11.42 -8.33
C TRP E 1 8.53 10.93 -6.98
N ILE E 2 7.70 11.05 -5.95
CA ILE E 2 8.12 10.74 -4.58
C ILE E 2 8.25 9.23 -4.37
N TYR E 3 9.26 8.83 -3.63
CA TYR E 3 9.50 7.41 -3.36
C TYR E 3 8.69 6.98 -2.16
N VAL E 4 8.41 5.70 -1.98
CA VAL E 4 7.71 5.27 -0.76
C VAL E 4 8.65 4.68 0.27
N TYR E 5 8.77 5.35 1.40
CA TYR E 5 9.85 5.00 2.29
C TYR E 5 9.52 3.72 2.96
N ARG E 6 10.55 2.92 3.15
CA ARG E 6 10.42 1.75 3.97
C ARG E 6 10.60 2.17 5.42
N PRO E 7 9.79 1.63 6.31
CA PRO E 7 9.88 1.72 7.76
C PRO E 7 11.27 1.37 8.28
N MET E 8 11.82 2.19 9.18
CA MET E 8 13.16 1.97 9.74
C MET E 8 13.24 0.83 10.74
N GLY E 9 12.15 0.63 11.47
CA GLY E 9 12.04 -0.44 12.45
C GLY E 9 13.31 -0.65 13.27
N CYS E 10 13.93 0.44 13.67
CA CYS E 10 15.18 0.39 14.41
C CYS E 10 15.03 -0.19 15.83
N GLY E 11 16.17 -0.26 16.52
CA GLY E 11 16.28 -0.53 17.94
C GLY E 11 17.72 -0.18 18.28
N GLY E 12 18.08 -0.01 19.56
CA GLY E 12 19.48 0.22 19.90
C GLY E 12 19.86 1.19 21.01
N SER E 13 21.00 1.86 20.85
CA SER E 13 21.64 2.68 21.91
C SER E 13 20.77 3.83 22.43
#